data_7YB1
#
_entry.id   7YB1
#
_cell.length_a   124.624
_cell.length_b   124.624
_cell.length_c   134.213
_cell.angle_alpha   90.00
_cell.angle_beta   90.00
_cell.angle_gamma   90.00
#
_symmetry.space_group_name_H-M   'P 41 21 2'
#
loop_
_entity.id
_entity.type
_entity.pdbx_description
1 polymer 'Versicolorin reductase'
2 non-polymer 'NADP NICOTINAMIDE-ADENINE-DINUCLEOTIDE PHOSPHATE'
3 water water
#
_entity_poly.entity_id   1
_entity_poly.type   'polypeptide(L)'
_entity_poly.pdbx_seq_one_letter_code
;MAMSPPTQDLHIPGRLDGKVALVTGSGRGIGAAVAVHLGLLGAKVVVNYANSPTHAQKVVDEIKQLGSDAIAIKADVRQV
PEIVRLFDEAVAHFGQLDIAVSNSGVVSFGHLKDVTEEEFDRVFSLNTRGQFFVAREAYKHLNNGGRIIMTSSNTSRDFS
VPKHSLYSGSKGAIDSFVRIFSKDCGDKKITVNAVAPGGTVTDMFHDVSQHYIPNGETYTPEERQKMAAHASPLHRNGFP
EDIARVVGFLVSAEGEWINGKVLTVDGGAAALEHHHHHH
;
_entity_poly.pdbx_strand_id   D,A,B,C
#
# COMPACT_ATOMS: atom_id res chain seq x y z
N PRO A 13 -4.46 -48.78 -1.88
CA PRO A 13 -3.39 -48.99 -0.85
C PRO A 13 -3.06 -47.73 -0.04
N GLY A 14 -2.76 -47.90 1.25
CA GLY A 14 -2.22 -46.85 2.15
C GLY A 14 -3.02 -45.55 2.10
N ARG A 15 -4.35 -45.64 2.01
CA ARG A 15 -5.27 -44.50 2.21
C ARG A 15 -5.45 -44.27 3.72
N LEU A 16 -5.99 -43.10 4.10
CA LEU A 16 -6.25 -42.69 5.50
C LEU A 16 -7.68 -42.12 5.62
N ASP A 17 -8.66 -42.79 4.99
CA ASP A 17 -10.09 -42.38 4.95
C ASP A 17 -10.68 -42.51 6.35
N GLY A 18 -11.48 -41.54 6.80
CA GLY A 18 -12.07 -41.54 8.15
C GLY A 18 -11.04 -41.37 9.25
N LYS A 19 -9.76 -41.11 8.90
CA LYS A 19 -8.66 -40.76 9.86
C LYS A 19 -8.53 -39.23 9.91
N VAL A 20 -8.09 -38.71 11.06
CA VAL A 20 -7.76 -37.27 11.26
C VAL A 20 -6.29 -37.17 11.68
N ALA A 21 -5.51 -36.38 10.93
CA ALA A 21 -4.07 -36.11 11.23
C ALA A 21 -3.91 -34.69 11.78
N LEU A 22 -2.79 -34.44 12.44
CA LEU A 22 -2.28 -33.09 12.81
C LEU A 22 -0.86 -32.97 12.29
N VAL A 23 -0.53 -31.88 11.59
CA VAL A 23 0.83 -31.61 11.05
C VAL A 23 1.27 -30.22 11.49
N THR A 24 2.25 -30.13 12.38
CA THR A 24 2.80 -28.83 12.84
C THR A 24 3.65 -28.25 11.70
N GLY A 25 3.74 -26.90 11.66
CA GLY A 25 4.48 -26.11 10.66
C GLY A 25 4.06 -26.46 9.25
N SER A 26 2.73 -26.49 9.05
CA SER A 26 2.10 -26.95 7.79
C SER A 26 1.47 -25.83 6.96
N GLY A 27 1.94 -24.61 7.13
CA GLY A 27 1.48 -23.53 6.26
C GLY A 27 2.47 -23.37 5.14
N ARG A 28 3.75 -23.64 5.43
CA ARG A 28 4.80 -23.52 4.38
C ARG A 28 5.91 -24.53 4.68
N GLY A 29 6.31 -25.31 3.67
CA GLY A 29 7.42 -26.25 3.87
C GLY A 29 7.04 -27.71 3.76
N ILE A 30 8.03 -28.61 3.89
CA ILE A 30 7.80 -30.08 3.76
C ILE A 30 6.51 -30.41 4.49
N GLY A 31 6.17 -29.61 5.48
CA GLY A 31 4.95 -29.81 6.29
C GLY A 31 3.70 -29.60 5.47
N ALA A 32 3.67 -28.59 4.60
CA ALA A 32 2.44 -28.29 3.85
C ALA A 32 2.15 -29.47 2.93
N ALA A 33 3.18 -29.97 2.26
CA ALA A 33 3.05 -31.10 1.32
C ALA A 33 2.81 -32.38 2.09
N VAL A 34 3.17 -32.40 3.37
CA VAL A 34 2.86 -33.60 4.17
C VAL A 34 1.35 -33.60 4.30
N ALA A 35 0.80 -32.51 4.80
CA ALA A 35 -0.65 -32.42 5.02
C ALA A 35 -1.36 -32.70 3.71
N VAL A 36 -1.20 -31.80 2.78
CA VAL A 36 -1.89 -31.96 1.47
C VAL A 36 -1.85 -33.42 1.03
N HIS A 37 -0.71 -34.10 1.19
CA HIS A 37 -0.51 -35.50 0.76
C HIS A 37 -1.21 -36.46 1.71
N LEU A 38 -1.48 -36.06 2.96
CA LEU A 38 -2.36 -36.83 3.86
C LEU A 38 -3.79 -36.65 3.37
N GLY A 39 -4.22 -35.40 3.23
CA GLY A 39 -5.55 -35.00 2.71
C GLY A 39 -5.90 -35.73 1.42
N LEU A 40 -4.95 -35.83 0.50
CA LEU A 40 -5.10 -36.58 -0.78
C LEU A 40 -5.49 -38.02 -0.45
N LEU A 41 -4.84 -38.63 0.55
CA LEU A 41 -5.03 -40.06 0.94
C LEU A 41 -6.35 -40.24 1.71
N GLY A 42 -7.00 -39.16 2.14
CA GLY A 42 -8.36 -39.20 2.71
C GLY A 42 -8.37 -38.82 4.18
N ALA A 43 -7.23 -38.36 4.70
CA ALA A 43 -7.05 -37.80 6.06
C ALA A 43 -7.75 -36.43 6.14
N LYS A 44 -8.42 -36.19 7.27
CA LYS A 44 -8.93 -34.85 7.65
C LYS A 44 -7.78 -34.18 8.42
N VAL A 45 -7.37 -32.96 8.02
CA VAL A 45 -6.02 -32.39 8.36
C VAL A 45 -6.17 -31.14 9.23
N VAL A 46 -5.41 -31.12 10.33
CA VAL A 46 -5.21 -29.96 11.25
C VAL A 46 -3.90 -29.28 10.87
N VAL A 47 -3.99 -28.11 10.24
CA VAL A 47 -2.85 -27.39 9.59
C VAL A 47 -2.30 -26.34 10.55
N ASN A 48 -1.32 -26.72 11.39
CA ASN A 48 -0.74 -25.80 12.40
C ASN A 48 0.17 -24.83 11.64
N TYR A 49 0.16 -23.57 12.08
CA TYR A 49 1.15 -22.51 11.76
C TYR A 49 1.34 -21.62 13.00
N ALA A 50 2.32 -20.73 12.96
CA ALA A 50 2.66 -19.80 14.06
C ALA A 50 2.82 -18.36 13.54
N ASN A 51 3.33 -18.17 12.32
CA ASN A 51 3.56 -16.83 11.71
C ASN A 51 2.97 -16.69 10.29
N SER A 52 2.53 -17.76 9.61
CA SER A 52 1.99 -17.68 8.20
C SER A 52 0.54 -18.13 8.09
N PRO A 53 -0.44 -17.34 8.59
CA PRO A 53 -1.86 -17.68 8.41
C PRO A 53 -2.37 -17.68 6.96
N THR A 54 -1.69 -16.97 6.06
CA THR A 54 -2.17 -16.73 4.68
C THR A 54 -1.97 -18.02 3.86
N HIS A 55 -0.83 -18.70 4.06
CA HIS A 55 -0.48 -19.99 3.39
C HIS A 55 -1.10 -21.18 4.13
N ALA A 56 -1.39 -21.05 5.42
CA ALA A 56 -2.21 -22.05 6.17
C ALA A 56 -3.60 -22.14 5.52
N GLN A 57 -4.23 -21.00 5.29
CA GLN A 57 -5.60 -20.88 4.73
C GLN A 57 -5.58 -21.31 3.25
N LYS A 58 -4.41 -21.39 2.62
CA LYS A 58 -4.24 -21.83 1.21
C LYS A 58 -4.12 -23.36 1.20
N VAL A 59 -3.46 -23.93 2.22
CA VAL A 59 -3.32 -25.41 2.39
C VAL A 59 -4.68 -26.03 2.74
N VAL A 60 -5.30 -25.56 3.84
CA VAL A 60 -6.71 -25.86 4.26
C VAL A 60 -7.66 -25.82 3.05
N ASP A 61 -7.58 -24.76 2.24
CA ASP A 61 -8.47 -24.53 1.06
C ASP A 61 -8.13 -25.62 0.03
N GLU A 62 -6.85 -25.84 -0.24
CA GLU A 62 -6.37 -26.80 -1.27
C GLU A 62 -6.62 -28.25 -0.80
N ILE A 63 -6.75 -28.50 0.51
CA ILE A 63 -7.04 -29.86 1.08
C ILE A 63 -8.52 -30.15 0.85
N LYS A 64 -9.37 -29.13 1.06
CA LYS A 64 -10.83 -29.24 0.86
C LYS A 64 -11.09 -29.42 -0.64
N GLN A 65 -10.43 -28.60 -1.46
CA GLN A 65 -10.55 -28.57 -2.94
C GLN A 65 -10.49 -30.00 -3.49
N LEU A 66 -9.47 -30.80 -3.12
CA LEU A 66 -9.29 -32.20 -3.60
C LEU A 66 -10.12 -33.19 -2.77
N GLY A 67 -11.09 -32.71 -2.00
CA GLY A 67 -12.24 -33.48 -1.50
C GLY A 67 -11.97 -34.10 -0.14
N SER A 68 -11.48 -33.32 0.83
CA SER A 68 -11.23 -33.75 2.22
C SER A 68 -11.84 -32.69 3.16
N ASP A 69 -11.35 -32.58 4.39
CA ASP A 69 -11.69 -31.50 5.35
C ASP A 69 -10.40 -31.12 6.07
N ALA A 70 -10.26 -29.86 6.47
CA ALA A 70 -9.08 -29.33 7.21
C ALA A 70 -9.49 -28.09 8.01
N ILE A 71 -8.86 -27.86 9.16
CA ILE A 71 -8.85 -26.53 9.85
C ILE A 71 -7.41 -26.08 9.97
N ALA A 72 -7.20 -24.76 10.15
CA ALA A 72 -5.92 -24.11 10.51
C ALA A 72 -6.00 -23.58 11.95
N ILE A 73 -5.18 -24.11 12.87
CA ILE A 73 -5.05 -23.62 14.28
C ILE A 73 -3.68 -22.94 14.41
N LYS A 74 -3.59 -21.75 14.98
CA LYS A 74 -2.27 -21.14 15.24
C LYS A 74 -1.81 -21.55 16.63
N ALA A 75 -0.53 -21.86 16.80
CA ALA A 75 0.03 -22.26 18.10
C ALA A 75 1.54 -22.25 17.99
N ASP A 76 2.24 -21.62 18.93
CA ASP A 76 3.71 -21.58 19.03
C ASP A 76 4.16 -22.79 19.82
N VAL A 77 4.83 -23.73 19.16
CA VAL A 77 5.23 -25.02 19.79
C VAL A 77 6.54 -24.84 20.57
N ARG A 78 7.01 -23.60 20.76
CA ARG A 78 8.05 -23.27 21.79
C ARG A 78 7.35 -23.18 23.16
N GLN A 79 6.11 -22.70 23.17
CA GLN A 79 5.23 -22.68 24.37
C GLN A 79 4.53 -24.03 24.46
N VAL A 80 4.69 -24.75 25.57
CA VAL A 80 4.04 -26.08 25.83
C VAL A 80 2.54 -25.90 26.10
N PRO A 81 2.10 -24.89 26.88
CA PRO A 81 0.67 -24.64 27.06
C PRO A 81 -0.04 -24.50 25.71
N GLU A 82 0.60 -23.82 24.74
CA GLU A 82 0.02 -23.59 23.40
C GLU A 82 -0.01 -24.89 22.59
N ILE A 83 0.83 -25.89 22.93
CA ILE A 83 0.80 -27.25 22.29
C ILE A 83 -0.39 -28.05 22.86
N VAL A 84 -0.65 -27.97 24.16
CA VAL A 84 -1.79 -28.70 24.78
C VAL A 84 -3.07 -28.17 24.15
N ARG A 85 -3.18 -26.84 24.02
CA ARG A 85 -4.36 -26.16 23.41
C ARG A 85 -4.47 -26.54 21.93
N LEU A 86 -3.33 -26.70 21.23
CA LEU A 86 -3.33 -27.15 19.81
C LEU A 86 -4.06 -28.51 19.72
N PHE A 87 -3.62 -29.48 20.50
CA PHE A 87 -4.12 -30.88 20.48
C PHE A 87 -5.52 -30.95 21.12
N ASP A 88 -5.79 -30.15 22.15
CA ASP A 88 -7.15 -30.10 22.77
C ASP A 88 -8.14 -29.58 21.71
N GLU A 89 -7.87 -28.42 21.10
CA GLU A 89 -8.75 -27.77 20.09
C GLU A 89 -8.96 -28.73 18.91
N ALA A 90 -7.93 -29.49 18.57
CA ALA A 90 -7.87 -30.40 17.39
C ALA A 90 -8.85 -31.55 17.56
N VAL A 91 -8.99 -32.09 18.78
CA VAL A 91 -9.90 -33.25 19.08
C VAL A 91 -11.33 -32.73 19.32
N ALA A 92 -11.45 -31.56 19.94
CA ALA A 92 -12.73 -30.85 20.15
C ALA A 92 -13.42 -30.62 18.80
N HIS A 93 -12.67 -30.47 17.71
CA HIS A 93 -13.25 -30.09 16.39
C HIS A 93 -13.69 -31.31 15.58
N PHE A 94 -12.77 -32.25 15.31
CA PHE A 94 -12.92 -33.36 14.33
C PHE A 94 -13.40 -34.68 14.98
N GLY A 95 -13.24 -34.84 16.30
CA GLY A 95 -13.78 -35.99 17.06
C GLY A 95 -12.68 -36.81 17.71
N GLN A 96 -11.52 -36.92 17.05
CA GLN A 96 -10.44 -37.90 17.38
C GLN A 96 -9.15 -37.46 16.70
N LEU A 97 -8.03 -38.03 17.12
CA LEU A 97 -6.74 -37.90 16.38
C LEU A 97 -6.09 -39.27 16.26
N ASP A 98 -5.51 -39.53 15.09
CA ASP A 98 -4.84 -40.80 14.70
C ASP A 98 -3.36 -40.53 14.44
N ILE A 99 -3.07 -39.48 13.67
CA ILE A 99 -1.72 -39.17 13.12
C ILE A 99 -1.32 -37.76 13.54
N ALA A 100 -0.08 -37.59 14.00
CA ALA A 100 0.53 -36.30 14.39
C ALA A 100 1.96 -36.25 13.85
N VAL A 101 2.21 -35.33 12.95
CA VAL A 101 3.54 -35.19 12.30
C VAL A 101 4.18 -33.97 12.93
N SER A 102 5.30 -34.16 13.66
CA SER A 102 6.12 -33.07 14.23
C SER A 102 7.09 -32.57 13.16
N ASN A 103 6.79 -31.40 12.55
CA ASN A 103 7.61 -30.90 11.42
C ASN A 103 8.20 -29.51 11.71
N SER A 104 7.54 -28.69 12.54
CA SER A 104 8.03 -27.31 12.78
C SER A 104 9.53 -27.33 13.10
N GLY A 105 10.32 -26.43 12.49
CA GLY A 105 11.78 -26.46 12.70
C GLY A 105 12.52 -25.24 12.18
N VAL A 106 13.70 -24.94 12.74
CA VAL A 106 14.56 -23.79 12.28
C VAL A 106 15.99 -24.28 12.01
N VAL A 107 16.69 -23.65 11.07
CA VAL A 107 18.15 -23.90 10.78
C VAL A 107 18.99 -22.85 11.52
N SER A 108 20.26 -23.15 11.79
CA SER A 108 21.20 -22.19 12.41
C SER A 108 22.60 -22.58 11.95
N PHE A 109 23.37 -21.64 11.41
CA PHE A 109 24.75 -21.94 10.95
C PHE A 109 25.72 -20.95 11.61
N GLY A 110 26.81 -21.47 12.18
CA GLY A 110 27.80 -20.65 12.90
C GLY A 110 28.83 -21.50 13.62
N HIS A 111 30.11 -21.17 13.49
CA HIS A 111 31.20 -21.92 14.15
C HIS A 111 30.85 -22.04 15.63
N LEU A 112 31.37 -23.08 16.25
CA LEU A 112 31.14 -23.28 17.71
C LEU A 112 31.51 -22.01 18.49
N LYS A 113 32.60 -21.32 18.13
CA LYS A 113 33.21 -20.28 18.98
C LYS A 113 32.18 -19.16 19.22
N ASP A 114 31.34 -18.85 18.24
CA ASP A 114 30.39 -17.69 18.26
C ASP A 114 28.95 -18.10 18.63
N VAL A 115 28.68 -19.38 18.87
CA VAL A 115 27.32 -19.84 19.30
C VAL A 115 27.05 -19.27 20.70
N THR A 116 26.07 -18.38 20.80
CA THR A 116 25.65 -17.70 22.05
C THR A 116 24.52 -18.49 22.72
N GLU A 117 24.21 -18.20 23.98
CA GLU A 117 23.10 -18.83 24.76
C GLU A 117 21.79 -18.65 24.00
N GLU A 118 21.58 -17.43 23.48
CA GLU A 118 20.30 -16.96 22.91
C GLU A 118 20.06 -17.73 21.60
N GLU A 119 21.13 -17.98 20.86
CA GLU A 119 21.03 -18.73 19.60
C GLU A 119 20.72 -20.20 19.87
N PHE A 120 21.39 -20.83 20.86
CA PHE A 120 21.25 -22.27 21.24
C PHE A 120 19.79 -22.55 21.65
N ASP A 121 19.23 -21.66 22.46
CA ASP A 121 17.86 -21.81 23.03
C ASP A 121 16.86 -21.65 21.89
N ARG A 122 17.01 -20.60 21.09
CA ARG A 122 16.12 -20.41 19.91
C ARG A 122 15.93 -21.73 19.16
N VAL A 123 17.04 -22.41 18.87
CA VAL A 123 17.11 -23.56 17.92
C VAL A 123 16.51 -24.78 18.59
N PHE A 124 16.82 -25.02 19.86
CA PHE A 124 16.44 -26.25 20.63
C PHE A 124 14.98 -26.19 21.14
N SER A 125 14.56 -25.02 21.62
CA SER A 125 13.20 -24.82 22.18
C SER A 125 12.18 -25.35 21.16
N LEU A 126 12.46 -25.24 19.86
CA LEU A 126 11.53 -25.67 18.78
C LEU A 126 11.93 -27.04 18.23
N ASN A 127 13.18 -27.19 17.79
CA ASN A 127 13.67 -28.35 17.01
C ASN A 127 13.79 -29.60 17.88
N THR A 128 14.01 -29.44 19.19
CA THR A 128 14.29 -30.55 20.14
C THR A 128 13.23 -30.63 21.24
N ARG A 129 13.05 -29.51 21.97
CA ARG A 129 12.20 -29.36 23.16
C ARG A 129 10.75 -29.34 22.71
N GLY A 130 10.44 -28.47 21.74
CA GLY A 130 9.12 -28.39 21.11
C GLY A 130 8.63 -29.75 20.66
N GLN A 131 9.33 -30.36 19.69
CA GLN A 131 8.95 -31.66 19.08
C GLN A 131 8.57 -32.60 20.23
N PHE A 132 9.44 -32.72 21.24
CA PHE A 132 9.29 -33.67 22.37
C PHE A 132 7.88 -33.51 22.96
N PHE A 133 7.46 -32.26 23.19
CA PHE A 133 6.17 -31.97 23.83
C PHE A 133 5.05 -31.98 22.79
N VAL A 134 5.37 -31.95 21.50
CA VAL A 134 4.35 -32.16 20.43
C VAL A 134 4.09 -33.65 20.34
N ALA A 135 5.15 -34.46 20.56
CA ALA A 135 5.08 -35.94 20.63
C ALA A 135 4.28 -36.30 21.87
N ARG A 136 4.60 -35.72 23.02
CA ARG A 136 3.94 -36.09 24.30
C ARG A 136 2.44 -35.86 24.21
N GLU A 137 2.01 -34.71 23.69
CA GLU A 137 0.56 -34.35 23.66
C GLU A 137 -0.13 -35.14 22.52
N ALA A 138 0.65 -35.61 21.54
CA ALA A 138 0.21 -36.54 20.47
C ALA A 138 -0.29 -37.85 21.10
N TYR A 139 0.54 -38.49 21.92
CA TYR A 139 0.25 -39.76 22.61
C TYR A 139 -1.00 -39.60 23.48
N LYS A 140 -1.02 -38.57 24.34
CA LYS A 140 -2.08 -38.41 25.36
C LYS A 140 -3.45 -38.21 24.68
N HIS A 141 -3.48 -37.76 23.41
CA HIS A 141 -4.72 -37.36 22.68
C HIS A 141 -5.08 -38.36 21.57
N LEU A 142 -4.25 -39.40 21.30
CA LEU A 142 -4.27 -40.24 20.06
C LEU A 142 -5.16 -41.50 20.23
N ASN A 143 -5.95 -41.85 19.21
CA ASN A 143 -6.69 -43.14 19.14
C ASN A 143 -5.66 -44.26 19.15
N ASN A 144 -6.09 -45.49 19.42
CA ASN A 144 -5.20 -46.69 19.40
C ASN A 144 -4.99 -47.10 17.93
N GLY A 145 -3.90 -47.82 17.63
CA GLY A 145 -3.40 -47.99 16.26
C GLY A 145 -2.88 -46.70 15.65
N GLY A 146 -2.76 -45.62 16.42
CA GLY A 146 -2.39 -44.27 15.92
C GLY A 146 -1.00 -44.23 15.34
N ARG A 147 -0.50 -43.03 15.01
CA ARG A 147 0.80 -42.75 14.33
C ARG A 147 1.46 -41.47 14.84
N ILE A 148 2.77 -41.48 15.03
CA ILE A 148 3.54 -40.27 15.43
C ILE A 148 4.79 -40.20 14.54
N ILE A 149 4.96 -39.08 13.84
CA ILE A 149 6.17 -38.86 12.99
C ILE A 149 6.88 -37.61 13.50
N MET A 150 8.18 -37.68 13.73
CA MET A 150 8.96 -36.48 14.07
C MET A 150 9.91 -36.20 12.91
N THR A 151 10.50 -35.00 12.85
CA THR A 151 11.39 -34.58 11.75
C THR A 151 12.81 -34.42 12.30
N SER A 152 13.77 -35.15 11.73
CA SER A 152 15.23 -35.09 12.02
C SER A 152 15.93 -34.37 10.86
N SER A 153 17.21 -34.64 10.67
CA SER A 153 18.02 -34.15 9.54
C SER A 153 19.05 -35.21 9.17
N ASN A 154 19.52 -35.24 7.91
CA ASN A 154 20.60 -36.16 7.47
C ASN A 154 21.95 -35.58 7.92
N THR A 155 21.97 -34.32 8.39
CA THR A 155 23.16 -33.67 9.05
C THR A 155 23.18 -34.09 10.52
N SER A 156 22.32 -35.05 10.89
CA SER A 156 22.20 -35.60 12.26
C SER A 156 23.33 -36.60 12.47
N ARG A 157 23.47 -37.58 11.57
CA ARG A 157 24.49 -38.65 11.65
C ARG A 157 25.28 -38.71 10.33
N ASP A 158 24.63 -38.53 9.17
CA ASP A 158 25.16 -38.95 7.84
C ASP A 158 26.10 -37.89 7.25
N PHE A 159 25.83 -36.59 7.40
CA PHE A 159 26.68 -35.52 6.82
C PHE A 159 27.03 -34.50 7.88
N SER A 160 28.31 -34.11 7.90
CA SER A 160 28.94 -33.25 8.92
C SER A 160 29.45 -31.97 8.28
N VAL A 161 28.55 -31.05 7.93
CA VAL A 161 28.95 -29.74 7.36
C VAL A 161 29.53 -28.90 8.49
N PRO A 162 30.70 -28.26 8.28
CA PRO A 162 31.27 -27.32 9.26
C PRO A 162 30.35 -26.16 9.70
N LYS A 163 30.47 -25.70 10.95
CA LYS A 163 29.78 -24.47 11.45
C LYS A 163 28.27 -24.70 11.43
N HIS A 164 27.86 -25.90 11.81
CA HIS A 164 26.49 -26.46 11.62
C HIS A 164 26.08 -27.28 12.84
N SER A 165 26.87 -27.23 13.92
CA SER A 165 26.90 -28.16 15.07
C SER A 165 25.62 -28.05 15.90
N LEU A 166 25.08 -26.84 16.00
CA LEU A 166 23.93 -26.54 16.88
C LEU A 166 22.68 -27.24 16.34
N TYR A 167 22.34 -26.98 15.07
CA TYR A 167 21.22 -27.60 14.31
C TYR A 167 21.39 -29.14 14.31
N SER A 168 22.61 -29.62 14.13
CA SER A 168 22.94 -31.06 13.97
C SER A 168 22.45 -31.81 15.19
N GLY A 169 22.91 -31.39 16.37
CA GLY A 169 22.58 -32.03 17.65
C GLY A 169 21.12 -31.82 18.01
N SER A 170 20.49 -30.77 17.48
CA SER A 170 19.08 -30.47 17.81
C SER A 170 18.21 -31.58 17.27
N LYS A 171 18.71 -32.28 16.24
CA LYS A 171 17.97 -33.36 15.55
C LYS A 171 18.50 -34.70 16.00
N GLY A 172 19.78 -34.78 16.29
CA GLY A 172 20.33 -36.02 16.86
C GLY A 172 19.42 -36.51 17.96
N ALA A 173 19.10 -35.67 18.91
CA ALA A 173 18.18 -36.05 20.00
C ALA A 173 16.94 -36.64 19.36
N ILE A 174 16.42 -35.97 18.35
CA ILE A 174 15.15 -36.46 17.73
C ILE A 174 15.36 -37.93 17.35
N ASP A 175 16.47 -38.25 16.67
CA ASP A 175 16.87 -39.63 16.28
C ASP A 175 16.76 -40.55 17.51
N SER A 176 17.22 -40.09 18.68
CA SER A 176 17.29 -40.92 19.90
C SER A 176 15.89 -41.04 20.51
N PHE A 177 15.09 -39.97 20.49
CA PHE A 177 13.74 -39.94 21.12
C PHE A 177 12.86 -41.04 20.53
N VAL A 178 12.75 -41.08 19.20
CA VAL A 178 11.77 -41.92 18.45
C VAL A 178 12.02 -43.38 18.89
N ARG A 179 13.29 -43.78 18.99
CA ARG A 179 13.64 -45.19 19.26
C ARG A 179 12.95 -45.61 20.57
N ILE A 180 13.05 -44.77 21.60
CA ILE A 180 12.53 -45.02 22.97
C ILE A 180 11.00 -44.81 22.98
N PHE A 181 10.52 -43.72 22.40
CA PHE A 181 9.07 -43.44 22.18
C PHE A 181 8.35 -44.70 21.66
N SER A 182 8.97 -45.41 20.70
CA SER A 182 8.40 -46.58 19.98
C SER A 182 8.07 -47.67 21.01
N LYS A 183 8.87 -47.69 22.07
CA LYS A 183 8.71 -48.58 23.24
C LYS A 183 7.49 -48.11 24.05
N ASP A 184 7.60 -46.94 24.69
CA ASP A 184 6.60 -46.32 25.61
C ASP A 184 5.22 -46.19 24.96
N CYS A 185 5.13 -46.15 23.62
CA CYS A 185 3.87 -45.88 22.89
C CYS A 185 3.29 -47.18 22.32
N GLY A 186 3.85 -48.33 22.72
CA GLY A 186 3.31 -49.66 22.43
C GLY A 186 1.98 -49.90 23.12
N ASP A 187 1.79 -49.34 24.32
CA ASP A 187 0.63 -49.64 25.19
C ASP A 187 -0.63 -48.96 24.65
N LYS A 188 -0.51 -48.20 23.55
CA LYS A 188 -1.67 -47.74 22.73
C LYS A 188 -1.51 -48.17 21.24
N LYS A 189 -0.61 -49.12 20.95
CA LYS A 189 -0.16 -49.53 19.59
C LYS A 189 -0.10 -48.28 18.68
N ILE A 190 0.68 -47.28 19.11
CA ILE A 190 1.18 -46.16 18.26
C ILE A 190 2.65 -46.43 17.92
N THR A 191 2.99 -46.22 16.64
CA THR A 191 4.35 -46.41 16.09
C THR A 191 5.00 -45.04 16.02
N VAL A 192 6.27 -44.94 16.43
CA VAL A 192 7.02 -43.66 16.41
C VAL A 192 8.21 -43.77 15.46
N ASN A 193 8.24 -42.92 14.43
CA ASN A 193 9.36 -42.81 13.47
C ASN A 193 9.66 -41.33 13.23
N ALA A 194 10.92 -41.02 12.96
CA ALA A 194 11.35 -39.74 12.38
C ALA A 194 11.61 -39.98 10.88
N VAL A 195 11.29 -39.00 10.02
CA VAL A 195 11.94 -38.89 8.68
C VAL A 195 13.06 -37.85 8.81
N ALA A 196 14.19 -38.17 8.18
CA ALA A 196 15.35 -37.28 8.16
C ALA A 196 15.50 -36.82 6.72
N PRO A 197 15.00 -35.62 6.39
CA PRO A 197 15.10 -35.11 5.05
C PRO A 197 16.49 -34.52 4.81
N GLY A 198 16.95 -34.49 3.56
CA GLY A 198 18.25 -33.87 3.27
C GLY A 198 18.06 -32.55 2.54
N GLY A 199 18.67 -32.40 1.36
CA GLY A 199 18.52 -31.17 0.57
C GLY A 199 17.16 -31.07 -0.10
N THR A 200 16.15 -30.62 0.64
CA THR A 200 14.77 -30.48 0.10
C THR A 200 14.55 -29.00 -0.21
N VAL A 201 14.17 -28.68 -1.45
CA VAL A 201 14.04 -27.24 -1.89
C VAL A 201 12.92 -26.57 -1.10
N THR A 202 13.30 -25.67 -0.17
CA THR A 202 12.43 -24.83 0.69
C THR A 202 13.16 -23.52 1.02
N ASP A 203 12.46 -22.55 1.62
CA ASP A 203 13.05 -21.30 2.14
C ASP A 203 14.28 -21.66 2.98
N MET A 204 14.20 -22.73 3.81
CA MET A 204 15.29 -23.19 4.71
C MET A 204 16.51 -23.73 3.94
N PHE A 205 16.31 -24.41 2.81
CA PHE A 205 17.40 -25.05 2.02
C PHE A 205 18.25 -23.98 1.31
N HIS A 206 17.58 -23.04 0.65
CA HIS A 206 18.21 -21.88 -0.03
C HIS A 206 19.00 -21.06 1.00
N ASP A 207 18.45 -20.97 2.23
CA ASP A 207 19.06 -20.20 3.35
C ASP A 207 20.38 -20.87 3.77
N VAL A 208 20.41 -22.20 3.81
CA VAL A 208 21.62 -23.04 4.07
C VAL A 208 22.62 -22.91 2.91
N SER A 209 22.19 -23.19 1.65
CA SER A 209 23.04 -23.65 0.53
C SER A 209 24.17 -22.65 0.19
N GLN A 210 24.14 -21.43 0.71
CA GLN A 210 25.23 -20.43 0.55
C GLN A 210 26.57 -21.01 1.00
N HIS A 211 26.53 -21.96 1.96
CA HIS A 211 27.71 -22.57 2.63
C HIS A 211 28.00 -23.95 2.00
N TYR A 219 27.27 -16.55 -5.66
CA TYR A 219 26.26 -17.20 -6.55
C TYR A 219 24.84 -16.96 -6.01
N THR A 220 23.82 -17.40 -6.77
CA THR A 220 22.36 -17.14 -6.53
C THR A 220 21.62 -18.47 -6.29
N PRO A 221 20.48 -18.45 -5.57
CA PRO A 221 19.80 -19.68 -5.18
C PRO A 221 19.44 -20.67 -6.30
N GLU A 222 19.06 -20.20 -7.49
CA GLU A 222 18.79 -21.07 -8.69
C GLU A 222 20.09 -21.77 -9.07
N GLU A 223 21.18 -20.98 -9.22
CA GLU A 223 22.58 -21.43 -9.53
C GLU A 223 23.02 -22.54 -8.55
N ARG A 224 22.79 -22.35 -7.24
CA ARG A 224 23.12 -23.33 -6.16
C ARG A 224 22.12 -24.50 -6.16
N GLN A 225 20.85 -24.25 -6.49
CA GLN A 225 19.82 -25.32 -6.64
C GLN A 225 20.24 -26.24 -7.79
N LYS A 226 20.64 -25.67 -8.95
CA LYS A 226 21.17 -26.39 -10.16
C LYS A 226 22.34 -27.30 -9.74
N MET A 227 23.33 -26.75 -9.03
CA MET A 227 24.55 -27.48 -8.61
C MET A 227 24.16 -28.61 -7.67
N ALA A 228 23.42 -28.28 -6.61
CA ALA A 228 22.97 -29.20 -5.53
C ALA A 228 22.23 -30.41 -6.10
N ALA A 229 21.63 -30.30 -7.28
CA ALA A 229 20.94 -31.38 -8.03
C ALA A 229 21.91 -32.51 -8.38
N HIS A 230 23.24 -32.27 -8.34
CA HIS A 230 24.30 -33.25 -8.71
C HIS A 230 24.66 -34.18 -7.55
N ALA A 231 24.71 -33.69 -6.31
CA ALA A 231 24.95 -34.48 -5.07
C ALA A 231 24.21 -35.83 -5.12
N SER A 232 22.96 -35.85 -5.63
CA SER A 232 22.18 -37.09 -5.86
C SER A 232 22.60 -37.67 -7.20
N PRO A 233 22.90 -38.99 -7.25
CA PRO A 233 23.12 -39.67 -8.52
C PRO A 233 21.89 -39.72 -9.46
N LEU A 234 20.67 -39.48 -8.94
CA LEU A 234 19.41 -39.35 -9.75
C LEU A 234 19.44 -38.06 -10.58
N HIS A 235 20.33 -37.13 -10.22
CA HIS A 235 20.68 -35.89 -10.98
C HIS A 235 19.52 -34.88 -10.93
N ARG A 236 18.84 -34.72 -9.78
CA ARG A 236 17.76 -33.71 -9.54
C ARG A 236 17.74 -33.29 -8.07
N ASN A 237 16.91 -32.29 -7.73
CA ASN A 237 16.79 -31.79 -6.33
C ASN A 237 15.77 -32.65 -5.59
N GLY A 238 15.75 -32.53 -4.26
CA GLY A 238 14.67 -33.07 -3.40
C GLY A 238 13.66 -31.99 -3.13
N PHE A 239 12.37 -32.35 -3.13
CA PHE A 239 11.19 -31.43 -2.99
C PHE A 239 10.27 -31.93 -1.88
N PRO A 240 9.39 -31.05 -1.34
CA PRO A 240 8.58 -31.41 -0.19
C PRO A 240 7.71 -32.67 -0.41
N GLU A 241 7.16 -32.79 -1.63
CA GLU A 241 6.41 -33.97 -2.16
C GLU A 241 7.24 -35.23 -1.88
N ASP A 242 8.54 -35.19 -2.17
CA ASP A 242 9.49 -36.33 -1.99
C ASP A 242 9.38 -36.91 -0.58
N ILE A 243 9.47 -36.06 0.44
CA ILE A 243 9.43 -36.46 1.88
C ILE A 243 7.98 -36.77 2.26
N ALA A 244 7.04 -35.89 1.91
CA ALA A 244 5.59 -36.08 2.16
C ALA A 244 5.20 -37.51 1.84
N ARG A 245 5.60 -38.02 0.70
CA ARG A 245 5.17 -39.38 0.28
C ARG A 245 5.59 -40.44 1.30
N VAL A 246 6.75 -40.28 1.96
CA VAL A 246 7.29 -41.29 2.91
C VAL A 246 6.49 -41.25 4.21
N VAL A 247 6.24 -40.06 4.75
CA VAL A 247 5.39 -39.93 5.96
C VAL A 247 4.09 -40.66 5.64
N GLY A 248 3.50 -40.41 4.49
CA GLY A 248 2.19 -41.02 4.17
C GLY A 248 2.23 -42.51 4.37
N PHE A 249 3.27 -43.17 3.86
CA PHE A 249 3.41 -44.64 3.99
C PHE A 249 3.55 -45.04 5.45
N LEU A 250 4.44 -44.37 6.16
CA LEU A 250 4.71 -44.72 7.57
C LEU A 250 3.47 -44.43 8.39
N VAL A 251 2.63 -43.49 7.96
CA VAL A 251 1.41 -43.07 8.73
C VAL A 251 0.22 -43.87 8.23
N SER A 252 0.48 -44.85 7.38
CA SER A 252 -0.61 -45.72 6.88
C SER A 252 -0.65 -46.93 7.80
N ALA A 253 -1.60 -47.84 7.58
CA ALA A 253 -1.59 -49.10 8.34
C ALA A 253 -0.55 -50.03 7.72
N GLU A 254 -0.28 -49.84 6.42
CA GLU A 254 0.69 -50.59 5.56
C GLU A 254 2.13 -50.27 5.97
N GLY A 255 2.36 -49.19 6.72
CA GLY A 255 3.69 -48.76 7.17
C GLY A 255 4.00 -49.24 8.57
N GLU A 256 3.09 -50.02 9.16
CA GLU A 256 3.09 -50.37 10.60
C GLU A 256 4.47 -50.88 11.03
N TRP A 257 5.08 -51.81 10.30
CA TRP A 257 6.21 -52.65 10.80
C TRP A 257 7.54 -51.87 10.74
N ILE A 258 7.50 -50.67 10.15
CA ILE A 258 8.55 -49.63 10.36
C ILE A 258 8.21 -48.88 11.65
N ASN A 259 8.85 -49.20 12.78
CA ASN A 259 8.50 -48.62 14.11
C ASN A 259 9.80 -48.37 14.89
N GLY A 260 10.02 -47.15 15.37
CA GLY A 260 11.26 -46.75 16.08
C GLY A 260 12.45 -46.59 15.13
N LYS A 261 12.20 -46.32 13.85
CA LYS A 261 13.25 -46.18 12.79
C LYS A 261 13.35 -44.72 12.26
N VAL A 262 14.56 -44.30 11.89
CA VAL A 262 14.80 -42.98 11.25
C VAL A 262 15.03 -43.22 9.76
N LEU A 263 14.08 -42.87 8.91
CA LEU A 263 14.25 -43.00 7.43
C LEU A 263 14.86 -41.72 6.87
N THR A 264 16.07 -41.83 6.33
CA THR A 264 16.79 -40.71 5.68
C THR A 264 16.37 -40.62 4.22
N VAL A 265 15.95 -39.44 3.79
CA VAL A 265 15.28 -39.18 2.48
C VAL A 265 15.99 -38.02 1.75
N ASP A 266 17.14 -38.40 1.16
CA ASP A 266 18.02 -37.44 0.46
C ASP A 266 18.15 -37.87 -1.00
N GLY A 267 18.31 -39.17 -1.23
CA GLY A 267 18.35 -39.66 -2.62
C GLY A 267 19.74 -40.09 -3.02
N GLY A 268 20.50 -40.69 -2.11
CA GLY A 268 21.87 -41.15 -2.42
C GLY A 268 22.80 -39.98 -2.56
N ALA A 269 22.50 -38.91 -1.85
CA ALA A 269 23.28 -37.66 -2.00
C ALA A 269 24.53 -37.68 -1.11
N ALA A 270 25.49 -36.79 -1.38
CA ALA A 270 26.79 -36.70 -0.67
C ALA A 270 27.50 -35.40 -1.03
N LEU B 10 -13.14 -9.41 -31.96
CA LEU B 10 -13.61 -9.26 -30.52
C LEU B 10 -12.50 -8.65 -29.63
N HIS B 11 -12.65 -7.39 -29.25
CA HIS B 11 -11.71 -6.59 -28.44
C HIS B 11 -11.37 -7.33 -27.14
N ILE B 12 -10.08 -7.61 -26.92
CA ILE B 12 -9.50 -8.07 -25.62
C ILE B 12 -8.59 -6.93 -25.12
N PRO B 13 -9.07 -6.09 -24.17
CA PRO B 13 -8.36 -4.86 -23.81
C PRO B 13 -7.20 -5.03 -22.80
N GLY B 14 -6.27 -4.08 -22.81
CA GLY B 14 -5.33 -3.82 -21.72
C GLY B 14 -4.37 -4.96 -21.53
N ARG B 15 -3.96 -5.62 -22.62
CA ARG B 15 -2.95 -6.71 -22.57
C ARG B 15 -1.56 -6.08 -22.63
N LEU B 16 -0.54 -6.88 -22.29
CA LEU B 16 0.86 -6.44 -22.12
C LEU B 16 1.77 -7.38 -22.92
N ASP B 17 1.28 -7.83 -24.07
CA ASP B 17 1.99 -8.79 -24.96
C ASP B 17 3.12 -7.99 -25.58
N GLY B 18 4.28 -8.62 -25.80
CA GLY B 18 5.53 -7.95 -26.17
C GLY B 18 6.28 -7.44 -24.95
N LYS B 19 5.57 -6.96 -23.91
CA LYS B 19 6.11 -6.12 -22.79
C LYS B 19 6.74 -6.97 -21.69
N VAL B 20 7.61 -6.34 -20.89
CA VAL B 20 8.37 -6.96 -19.76
C VAL B 20 8.20 -6.08 -18.53
N ALA B 21 7.87 -6.67 -17.38
CA ALA B 21 7.53 -5.97 -16.12
C ALA B 21 8.31 -6.54 -14.94
N LEU B 22 8.62 -5.68 -13.96
CA LEU B 22 9.35 -5.99 -12.70
C LEU B 22 8.49 -5.56 -11.52
N VAL B 23 8.12 -6.49 -10.65
CA VAL B 23 7.43 -6.22 -9.36
C VAL B 23 8.41 -6.53 -8.24
N THR B 24 8.75 -5.55 -7.36
CA THR B 24 9.51 -5.79 -6.09
C THR B 24 8.58 -6.54 -5.13
N GLY B 25 9.14 -7.46 -4.34
CA GLY B 25 8.37 -8.23 -3.35
C GLY B 25 7.15 -8.92 -3.96
N SER B 26 7.37 -9.65 -5.08
CA SER B 26 6.37 -10.50 -5.78
C SER B 26 6.55 -11.98 -5.44
N GLY B 27 7.00 -12.29 -4.21
CA GLY B 27 7.01 -13.66 -3.66
C GLY B 27 5.72 -14.00 -2.93
N ARG B 28 5.21 -13.03 -2.19
CA ARG B 28 4.00 -13.23 -1.38
C ARG B 28 3.19 -11.94 -1.38
N GLY B 29 1.90 -12.04 -1.10
CA GLY B 29 1.09 -10.82 -0.96
C GLY B 29 0.57 -10.24 -2.25
N ILE B 30 0.47 -8.92 -2.29
CA ILE B 30 -0.11 -8.19 -3.45
C ILE B 30 0.81 -8.30 -4.65
N GLY B 31 2.09 -8.52 -4.44
CA GLY B 31 3.06 -8.52 -5.55
C GLY B 31 2.98 -9.80 -6.32
N ALA B 32 2.77 -10.90 -5.63
CA ALA B 32 2.58 -12.15 -6.35
C ALA B 32 1.40 -11.99 -7.30
N ALA B 33 0.25 -11.57 -6.78
CA ALA B 33 -0.97 -11.44 -7.61
C ALA B 33 -0.87 -10.26 -8.56
N VAL B 34 0.03 -9.34 -8.30
CA VAL B 34 0.31 -8.18 -9.20
C VAL B 34 1.26 -8.66 -10.30
N ALA B 35 1.94 -9.77 -10.08
CA ALA B 35 2.88 -10.38 -11.04
C ALA B 35 2.13 -11.49 -11.78
N VAL B 36 1.36 -12.27 -11.06
CA VAL B 36 0.56 -13.31 -11.79
C VAL B 36 -0.39 -12.57 -12.76
N HIS B 37 -1.06 -11.52 -12.29
CA HIS B 37 -2.09 -10.82 -13.09
C HIS B 37 -1.41 -10.20 -14.32
N LEU B 38 -0.36 -9.40 -14.16
CA LEU B 38 0.45 -8.85 -15.28
C LEU B 38 0.82 -10.00 -16.22
N GLY B 39 1.26 -11.14 -15.66
CA GLY B 39 1.46 -12.42 -16.39
C GLY B 39 0.21 -12.86 -17.14
N LEU B 40 -0.93 -12.96 -16.44
CA LEU B 40 -2.24 -13.34 -17.04
C LEU B 40 -2.54 -12.45 -18.27
N LEU B 41 -2.09 -11.18 -18.27
CA LEU B 41 -2.33 -10.18 -19.35
C LEU B 41 -1.19 -10.22 -20.38
N GLY B 42 -0.35 -11.25 -20.34
CA GLY B 42 0.51 -11.67 -21.47
C GLY B 42 1.90 -11.07 -21.41
N ALA B 43 2.23 -10.42 -20.28
CA ALA B 43 3.53 -9.76 -19.99
C ALA B 43 4.52 -10.79 -19.48
N LYS B 44 5.78 -10.55 -19.81
CA LYS B 44 6.94 -11.26 -19.24
C LYS B 44 7.34 -10.48 -18.00
N VAL B 45 7.59 -11.20 -16.91
CA VAL B 45 7.57 -10.66 -15.52
C VAL B 45 8.86 -11.06 -14.80
N VAL B 46 9.51 -10.08 -14.19
CA VAL B 46 10.69 -10.27 -13.31
C VAL B 46 10.19 -10.29 -11.86
N VAL B 47 10.01 -11.50 -11.33
CA VAL B 47 9.72 -11.74 -9.89
C VAL B 47 10.93 -11.30 -9.08
N ASN B 48 10.71 -10.51 -8.03
CA ASN B 48 11.75 -10.08 -7.07
C ASN B 48 11.30 -10.50 -5.67
N TYR B 49 12.27 -10.91 -4.87
CA TYR B 49 12.04 -11.43 -3.51
C TYR B 49 13.37 -11.25 -2.79
N ALA B 50 13.37 -11.22 -1.46
CA ALA B 50 14.64 -11.18 -0.71
C ALA B 50 14.79 -12.47 0.07
N ASN B 51 13.83 -12.75 0.96
CA ASN B 51 13.94 -13.93 1.86
C ASN B 51 12.95 -15.02 1.48
N SER B 52 12.07 -14.77 0.52
CA SER B 52 11.16 -15.85 0.07
C SER B 52 11.54 -16.32 -1.34
N PRO B 53 12.55 -17.20 -1.46
CA PRO B 53 12.95 -17.72 -2.74
C PRO B 53 12.01 -18.78 -3.30
N THR B 54 11.59 -19.74 -2.49
CA THR B 54 10.75 -20.90 -2.92
C THR B 54 9.39 -20.38 -3.34
N HIS B 55 8.77 -19.49 -2.55
CA HIS B 55 7.50 -18.81 -2.89
C HIS B 55 7.64 -18.12 -4.26
N ALA B 56 8.70 -17.31 -4.43
CA ALA B 56 9.00 -16.57 -5.68
C ALA B 56 9.01 -17.51 -6.89
N GLN B 57 9.40 -18.77 -6.70
CA GLN B 57 9.57 -19.80 -7.78
C GLN B 57 8.21 -20.41 -8.16
N LYS B 58 7.24 -20.48 -7.24
CA LYS B 58 5.87 -20.94 -7.56
C LYS B 58 5.27 -19.88 -8.46
N VAL B 59 5.54 -18.60 -8.15
CA VAL B 59 4.91 -17.43 -8.82
C VAL B 59 5.47 -17.31 -10.25
N VAL B 60 6.69 -17.78 -10.49
CA VAL B 60 7.30 -17.89 -11.86
C VAL B 60 6.61 -19.06 -12.61
N ASP B 61 6.54 -20.24 -11.98
CA ASP B 61 5.89 -21.48 -12.52
C ASP B 61 4.43 -21.17 -12.86
N GLU B 62 3.64 -20.71 -11.90
CA GLU B 62 2.24 -20.23 -12.08
C GLU B 62 2.17 -19.23 -13.27
N ILE B 63 3.22 -18.43 -13.53
CA ILE B 63 3.29 -17.40 -14.62
C ILE B 63 3.64 -18.09 -15.94
N LYS B 64 4.56 -19.04 -15.91
CA LYS B 64 4.95 -19.83 -17.10
C LYS B 64 3.73 -20.65 -17.51
N GLN B 65 2.99 -21.18 -16.52
CA GLN B 65 1.78 -22.06 -16.67
C GLN B 65 0.74 -21.46 -17.61
N LEU B 66 0.38 -20.18 -17.44
CA LEU B 66 -0.58 -19.48 -18.33
C LEU B 66 0.14 -18.94 -19.57
N GLY B 67 1.33 -19.47 -19.89
CA GLY B 67 2.01 -19.36 -21.20
C GLY B 67 2.69 -18.03 -21.38
N SER B 68 3.29 -17.48 -20.33
CA SER B 68 4.27 -16.39 -20.48
C SER B 68 5.63 -16.90 -20.03
N ASP B 69 6.52 -16.01 -19.58
CA ASP B 69 7.91 -16.32 -19.18
C ASP B 69 8.22 -15.44 -17.96
N ALA B 70 8.80 -16.02 -16.90
CA ALA B 70 9.23 -15.28 -15.68
C ALA B 70 10.62 -15.75 -15.21
N ILE B 71 11.32 -14.90 -14.47
CA ILE B 71 12.54 -15.25 -13.68
C ILE B 71 12.39 -14.64 -12.28
N ALA B 72 13.00 -15.27 -11.28
CA ALA B 72 13.00 -14.84 -9.86
C ALA B 72 14.39 -14.31 -9.51
N ILE B 73 14.62 -13.02 -9.69
CA ILE B 73 15.87 -12.35 -9.24
C ILE B 73 15.75 -12.03 -7.75
N LYS B 74 16.73 -12.38 -6.95
CA LYS B 74 16.86 -11.92 -5.53
C LYS B 74 17.43 -10.49 -5.46
N ALA B 75 16.95 -9.67 -4.53
CA ALA B 75 17.56 -8.38 -4.11
C ALA B 75 16.82 -7.75 -2.93
N ASP B 76 17.56 -7.38 -1.88
CA ASP B 76 17.08 -6.54 -0.74
C ASP B 76 17.12 -5.06 -1.18
N VAL B 77 15.95 -4.46 -1.41
CA VAL B 77 15.80 -3.08 -1.97
C VAL B 77 15.97 -2.04 -0.86
N ARG B 78 16.35 -2.47 0.36
CA ARG B 78 16.89 -1.53 1.39
C ARG B 78 18.28 -1.07 0.97
N GLN B 79 18.99 -1.92 0.22
CA GLN B 79 20.35 -1.68 -0.33
C GLN B 79 20.19 -1.15 -1.76
N VAL B 80 20.71 0.05 -2.01
CA VAL B 80 20.54 0.78 -3.30
C VAL B 80 21.34 0.06 -4.39
N PRO B 81 22.64 -0.32 -4.20
CA PRO B 81 23.38 -1.08 -5.21
C PRO B 81 22.68 -2.39 -5.61
N GLU B 82 21.96 -3.05 -4.70
CA GLU B 82 21.24 -4.30 -5.03
C GLU B 82 20.01 -3.95 -5.87
N ILE B 83 19.40 -2.79 -5.64
CA ILE B 83 18.35 -2.21 -6.53
C ILE B 83 18.89 -2.07 -7.98
N VAL B 84 20.11 -1.51 -8.15
CA VAL B 84 20.74 -1.22 -9.48
C VAL B 84 20.96 -2.57 -10.17
N ARG B 85 21.62 -3.51 -9.47
CA ARG B 85 21.90 -4.88 -9.95
C ARG B 85 20.57 -5.57 -10.30
N LEU B 86 19.56 -5.50 -9.41
CA LEU B 86 18.21 -6.09 -9.65
C LEU B 86 17.75 -5.73 -11.07
N PHE B 87 17.88 -4.45 -11.40
CA PHE B 87 17.33 -3.81 -12.62
C PHE B 87 18.28 -4.08 -13.80
N ASP B 88 19.59 -3.89 -13.61
CA ASP B 88 20.64 -4.21 -14.63
C ASP B 88 20.41 -5.62 -15.18
N GLU B 89 20.20 -6.58 -14.26
CA GLU B 89 19.93 -8.01 -14.52
C GLU B 89 18.60 -8.16 -15.26
N ALA B 90 17.53 -7.51 -14.78
CA ALA B 90 16.16 -7.57 -15.33
C ALA B 90 16.17 -7.38 -16.85
N VAL B 91 17.00 -6.47 -17.35
CA VAL B 91 17.14 -6.15 -18.80
C VAL B 91 18.09 -7.15 -19.44
N ALA B 92 19.18 -7.45 -18.75
CA ALA B 92 20.23 -8.38 -19.22
C ALA B 92 19.66 -9.79 -19.46
N HIS B 93 18.44 -10.08 -19.00
CA HIS B 93 17.75 -11.36 -19.29
C HIS B 93 16.74 -11.14 -20.43
N PHE B 94 15.70 -10.33 -20.21
CA PHE B 94 14.58 -10.17 -21.18
C PHE B 94 14.98 -9.25 -22.35
N GLY B 95 15.90 -8.28 -22.17
CA GLY B 95 16.43 -7.44 -23.26
C GLY B 95 15.90 -6.01 -23.23
N GLN B 96 14.83 -5.77 -22.47
CA GLN B 96 14.19 -4.44 -22.24
C GLN B 96 13.30 -4.53 -21.00
N LEU B 97 12.92 -3.39 -20.42
CA LEU B 97 11.91 -3.34 -19.33
C LEU B 97 10.97 -2.16 -19.59
N ASP B 98 9.67 -2.43 -19.43
CA ASP B 98 8.54 -1.50 -19.75
C ASP B 98 7.82 -1.03 -18.48
N ILE B 99 7.50 -1.99 -17.62
CA ILE B 99 6.68 -1.80 -16.38
C ILE B 99 7.59 -2.06 -15.17
N ALA B 100 7.35 -1.29 -14.10
CA ALA B 100 8.11 -1.40 -12.83
C ALA B 100 7.13 -1.20 -11.68
N VAL B 101 7.04 -2.16 -10.75
CA VAL B 101 6.05 -2.08 -9.63
C VAL B 101 6.76 -2.21 -8.28
N SER B 102 6.58 -1.22 -7.41
CA SER B 102 7.20 -1.18 -6.06
C SER B 102 6.17 -1.64 -5.05
N ASN B 103 6.22 -2.91 -4.62
CA ASN B 103 5.21 -3.46 -3.69
C ASN B 103 5.88 -3.78 -2.37
N SER B 104 7.21 -3.84 -2.38
CA SER B 104 7.89 -4.27 -1.15
C SER B 104 7.64 -3.26 -0.05
N GLY B 105 7.26 -3.75 1.13
CA GLY B 105 7.02 -2.87 2.29
C GLY B 105 6.70 -3.63 3.57
N VAL B 106 6.90 -2.97 4.73
CA VAL B 106 6.64 -3.55 6.10
C VAL B 106 5.63 -2.69 6.87
N VAL B 107 5.11 -3.23 7.98
CA VAL B 107 4.15 -2.58 8.94
C VAL B 107 4.87 -2.37 10.28
N SER B 108 4.33 -1.52 11.18
CA SER B 108 4.80 -1.30 12.58
C SER B 108 3.74 -0.60 13.46
N PHE B 109 3.27 -1.25 14.53
CA PHE B 109 2.47 -0.61 15.62
C PHE B 109 3.41 -0.26 16.78
N GLY B 110 3.20 0.95 17.32
CA GLY B 110 3.90 1.51 18.49
C GLY B 110 3.46 2.96 18.72
N HIS B 111 3.30 3.39 19.98
CA HIS B 111 2.92 4.78 20.37
C HIS B 111 4.09 5.70 20.01
N LEU B 112 3.86 6.90 19.48
CA LEU B 112 4.96 7.79 19.08
C LEU B 112 6.10 7.65 20.10
N LYS B 113 5.74 7.65 21.39
CA LYS B 113 6.69 7.77 22.55
C LYS B 113 7.69 6.60 22.59
N ASP B 114 7.28 5.40 22.17
CA ASP B 114 8.08 4.14 22.19
C ASP B 114 8.90 3.93 20.90
N VAL B 115 8.74 4.75 19.86
CA VAL B 115 9.27 4.43 18.50
C VAL B 115 10.77 4.74 18.46
N THR B 116 11.60 3.70 18.38
CA THR B 116 13.08 3.78 18.44
C THR B 116 13.62 4.15 17.06
N GLU B 117 14.86 4.64 17.04
CA GLU B 117 15.69 4.95 15.84
C GLU B 117 15.76 3.74 14.92
N GLU B 118 15.95 2.55 15.49
CA GLU B 118 16.14 1.26 14.76
C GLU B 118 14.85 0.92 14.01
N GLU B 119 13.70 0.98 14.69
CA GLU B 119 12.38 0.68 14.07
C GLU B 119 12.08 1.69 12.94
N PHE B 120 12.21 3.00 13.21
CA PHE B 120 12.11 4.06 12.16
C PHE B 120 12.94 3.61 10.95
N ASP B 121 14.19 3.21 11.17
CA ASP B 121 15.15 2.92 10.06
C ASP B 121 14.77 1.60 9.42
N ARG B 122 14.39 0.59 10.22
CA ARG B 122 13.84 -0.68 9.71
C ARG B 122 12.77 -0.37 8.66
N VAL B 123 11.78 0.46 9.01
CA VAL B 123 10.56 0.74 8.20
C VAL B 123 10.92 1.68 7.05
N PHE B 124 11.49 2.85 7.35
CA PHE B 124 11.64 3.97 6.37
C PHE B 124 12.58 3.58 5.22
N SER B 125 13.56 2.71 5.51
CA SER B 125 14.68 2.29 4.61
C SER B 125 14.18 1.40 3.47
N LEU B 126 13.06 0.70 3.67
CA LEU B 126 12.36 -0.16 2.69
C LEU B 126 11.09 0.53 2.17
N ASN B 127 10.27 1.03 3.09
CA ASN B 127 8.94 1.59 2.77
C ASN B 127 9.06 2.88 1.95
N THR B 128 10.15 3.64 2.04
CA THR B 128 10.21 5.00 1.42
C THR B 128 11.48 5.17 0.58
N ARG B 129 12.63 5.12 1.24
CA ARG B 129 13.98 5.26 0.66
C ARG B 129 14.14 4.21 -0.44
N GLY B 130 13.86 2.95 -0.11
CA GLY B 130 13.95 1.82 -1.06
C GLY B 130 13.10 2.11 -2.28
N GLN B 131 11.80 2.30 -2.05
CA GLN B 131 10.81 2.58 -3.11
C GLN B 131 11.34 3.73 -3.94
N PHE B 132 11.89 4.77 -3.31
CA PHE B 132 12.41 5.96 -4.03
C PHE B 132 13.44 5.54 -5.08
N PHE B 133 14.37 4.64 -4.75
CA PHE B 133 15.52 4.29 -5.62
C PHE B 133 15.12 3.23 -6.66
N VAL B 134 14.12 2.41 -6.35
CA VAL B 134 13.42 1.51 -7.33
C VAL B 134 12.77 2.41 -8.39
N ALA B 135 12.15 3.50 -7.95
CA ALA B 135 11.50 4.47 -8.85
C ALA B 135 12.59 5.15 -9.70
N ARG B 136 13.72 5.51 -9.08
CA ARG B 136 14.89 6.13 -9.75
C ARG B 136 15.47 5.19 -10.81
N GLU B 137 15.88 3.99 -10.41
CA GLU B 137 16.50 2.98 -11.32
C GLU B 137 15.50 2.50 -12.37
N ALA B 138 14.19 2.60 -12.09
CA ALA B 138 13.11 2.30 -13.07
C ALA B 138 13.13 3.35 -14.21
N TYR B 139 13.07 4.65 -13.88
CA TYR B 139 13.06 5.73 -14.89
C TYR B 139 14.29 5.57 -15.79
N LYS B 140 15.39 5.10 -15.22
CA LYS B 140 16.70 4.99 -15.91
C LYS B 140 16.70 3.80 -16.90
N HIS B 141 16.03 2.69 -16.56
CA HIS B 141 16.11 1.38 -17.27
C HIS B 141 14.89 1.16 -18.18
N LEU B 142 13.80 1.91 -17.99
CA LEU B 142 12.51 1.68 -18.70
C LEU B 142 12.58 2.15 -20.15
N ASN B 143 11.92 1.42 -21.06
CA ASN B 143 11.57 1.92 -22.41
C ASN B 143 10.72 3.20 -22.25
N ASN B 144 10.93 4.22 -23.09
CA ASN B 144 9.99 5.36 -23.28
C ASN B 144 8.57 4.82 -23.38
N GLY B 145 7.59 5.50 -22.77
CA GLY B 145 6.18 5.08 -22.77
C GLY B 145 5.91 4.02 -21.73
N GLY B 146 6.88 3.81 -20.84
CA GLY B 146 6.75 2.84 -19.74
C GLY B 146 5.84 3.35 -18.64
N ARG B 147 5.69 2.54 -17.59
CA ARG B 147 4.80 2.80 -16.41
C ARG B 147 5.61 2.55 -15.13
N ILE B 148 5.45 3.40 -14.12
CA ILE B 148 6.04 3.19 -12.77
C ILE B 148 4.90 3.27 -11.74
N ILE B 149 4.62 2.16 -11.08
CA ILE B 149 3.61 2.07 -9.98
C ILE B 149 4.36 1.86 -8.65
N MET B 150 4.03 2.66 -7.64
CA MET B 150 4.61 2.52 -6.29
C MET B 150 3.43 2.26 -5.36
N THR B 151 3.67 1.55 -4.25
CA THR B 151 2.56 1.17 -3.35
C THR B 151 2.50 2.15 -2.16
N SER B 152 1.28 2.47 -1.70
CA SER B 152 1.12 3.35 -0.52
C SER B 152 0.16 2.69 0.47
N SER B 153 -0.76 3.46 1.04
CA SER B 153 -1.75 2.90 2.00
C SER B 153 -2.93 3.88 2.17
N ASN B 154 -4.00 3.44 2.84
CA ASN B 154 -5.15 4.32 3.12
C ASN B 154 -4.88 5.01 4.44
N THR B 155 -3.97 4.46 5.22
CA THR B 155 -3.56 5.07 6.51
C THR B 155 -2.58 6.18 6.20
N SER B 156 -2.44 6.56 4.93
CA SER B 156 -1.50 7.63 4.50
C SER B 156 -2.16 9.00 4.65
N ARG B 157 -3.47 9.07 4.47
CA ARG B 157 -4.23 10.34 4.58
C ARG B 157 -5.68 9.99 4.84
N ASP B 158 -6.18 8.98 4.15
CA ASP B 158 -7.62 8.66 4.25
C ASP B 158 -7.97 8.24 5.68
N PHE B 159 -7.08 7.56 6.39
CA PHE B 159 -7.50 7.12 7.74
C PHE B 159 -6.43 7.42 8.79
N SER B 160 -6.86 7.81 9.98
CA SER B 160 -5.94 8.14 11.08
C SER B 160 -6.07 7.08 12.18
N VAL B 161 -5.30 6.01 12.07
CA VAL B 161 -5.27 4.86 13.03
C VAL B 161 -4.29 5.23 14.14
N PRO B 162 -4.67 5.05 15.42
CA PRO B 162 -3.72 5.23 16.52
C PRO B 162 -2.52 4.27 16.50
N LYS B 163 -1.40 4.73 17.08
CA LYS B 163 -0.11 4.00 17.28
C LYS B 163 0.40 3.47 15.95
N HIS B 164 0.16 4.20 14.86
CA HIS B 164 0.35 3.71 13.47
C HIS B 164 1.24 4.69 12.69
N SER B 165 1.93 5.58 13.41
CA SER B 165 2.47 6.87 12.91
C SER B 165 3.61 6.62 11.92
N LEU B 166 4.56 5.75 12.27
CA LEU B 166 5.72 5.46 11.37
C LEU B 166 5.19 5.05 9.99
N TYR B 167 4.42 3.95 9.92
CA TYR B 167 3.86 3.44 8.66
C TYR B 167 3.24 4.58 7.83
N SER B 168 2.23 5.25 8.37
CA SER B 168 1.50 6.31 7.60
C SER B 168 2.44 7.31 6.94
N GLY B 169 3.56 7.66 7.58
CA GLY B 169 4.44 8.69 7.06
C GLY B 169 5.46 8.01 6.19
N SER B 170 5.71 6.73 6.44
CA SER B 170 6.65 6.06 5.49
C SER B 170 6.02 5.99 4.10
N LYS B 171 4.71 5.71 4.07
CA LYS B 171 3.88 5.56 2.84
C LYS B 171 3.21 6.90 2.47
N GLY B 172 3.17 7.86 3.39
CA GLY B 172 2.63 9.21 3.14
C GLY B 172 3.62 10.09 2.41
N ALA B 173 4.86 9.64 2.20
CA ALA B 173 5.87 10.33 1.37
C ALA B 173 5.77 9.78 -0.05
N ILE B 174 5.25 8.56 -0.18
CA ILE B 174 5.14 7.85 -1.48
C ILE B 174 4.07 8.58 -2.28
N ASP B 175 3.12 9.21 -1.58
CA ASP B 175 1.99 10.00 -2.15
C ASP B 175 2.52 11.34 -2.70
N SER B 176 3.43 11.99 -1.99
CA SER B 176 4.06 13.24 -2.44
C SER B 176 4.92 12.93 -3.67
N PHE B 177 5.65 11.81 -3.65
CA PHE B 177 6.59 11.34 -4.71
C PHE B 177 5.90 11.16 -6.08
N VAL B 178 4.73 10.53 -6.15
CA VAL B 178 4.16 10.05 -7.45
C VAL B 178 3.66 11.27 -8.24
N ARG B 179 3.42 12.39 -7.59
CA ARG B 179 2.81 13.57 -8.26
C ARG B 179 3.92 14.38 -8.94
N ILE B 180 5.15 14.31 -8.39
CA ILE B 180 6.37 14.99 -8.92
C ILE B 180 7.11 14.08 -9.92
N PHE B 181 7.20 12.79 -9.61
CA PHE B 181 7.80 11.75 -10.51
C PHE B 181 7.08 11.78 -11.86
N SER B 182 5.75 11.96 -11.83
CA SER B 182 4.96 12.00 -13.08
C SER B 182 5.60 13.00 -14.05
N LYS B 183 5.94 14.18 -13.55
CA LYS B 183 6.55 15.24 -14.41
C LYS B 183 7.99 14.81 -14.76
N ASP B 184 8.80 14.50 -13.74
CA ASP B 184 10.22 14.12 -13.97
C ASP B 184 10.29 13.07 -15.09
N CYS B 185 9.76 11.88 -14.84
CA CYS B 185 9.84 10.77 -15.83
C CYS B 185 9.10 11.14 -17.11
N GLY B 186 8.30 12.21 -17.09
CA GLY B 186 7.49 12.55 -18.29
C GLY B 186 8.32 12.83 -19.54
N ASP B 187 9.62 13.10 -19.39
CA ASP B 187 10.51 13.45 -20.51
C ASP B 187 10.95 12.16 -21.22
N LYS B 188 10.39 11.00 -20.81
CA LYS B 188 10.45 9.71 -21.55
C LYS B 188 9.04 9.17 -21.76
N LYS B 189 8.01 9.99 -21.57
CA LYS B 189 6.59 9.59 -21.73
C LYS B 189 6.34 8.34 -20.88
N ILE B 190 6.44 8.51 -19.56
CA ILE B 190 6.29 7.43 -18.54
C ILE B 190 5.21 7.88 -17.54
N THR B 191 4.20 7.04 -17.24
CA THR B 191 3.15 7.36 -16.24
C THR B 191 3.60 6.80 -14.88
N VAL B 192 3.68 7.67 -13.87
CA VAL B 192 3.95 7.31 -12.45
C VAL B 192 2.68 7.49 -11.60
N ASN B 193 2.05 6.41 -11.16
CA ASN B 193 0.93 6.45 -10.18
C ASN B 193 1.25 5.51 -9.01
N ALA B 194 0.40 5.55 -7.99
CA ALA B 194 0.60 4.72 -6.80
C ALA B 194 -0.71 4.01 -6.47
N VAL B 195 -0.61 2.80 -5.91
CA VAL B 195 -1.83 2.07 -5.46
C VAL B 195 -1.84 2.16 -3.92
N ALA B 196 -3.02 2.33 -3.33
CA ALA B 196 -3.13 2.43 -1.85
C ALA B 196 -3.82 1.18 -1.32
N PRO B 197 -3.14 0.02 -1.22
CA PRO B 197 -3.74 -1.17 -0.64
C PRO B 197 -4.32 -0.74 0.72
N GLY B 198 -5.55 -1.14 1.02
CA GLY B 198 -6.17 -0.66 2.27
C GLY B 198 -6.34 -1.74 3.31
N GLY B 199 -6.78 -2.92 2.93
CA GLY B 199 -7.04 -3.95 3.94
C GLY B 199 -6.74 -5.29 3.34
N THR B 200 -5.87 -5.32 2.34
CA THR B 200 -5.57 -6.58 1.62
C THR B 200 -5.29 -7.71 2.62
N VAL B 201 -5.93 -8.87 2.43
CA VAL B 201 -5.75 -10.04 3.33
C VAL B 201 -4.39 -10.67 3.02
N THR B 202 -3.37 -10.30 3.80
CA THR B 202 -2.02 -10.85 3.62
C THR B 202 -1.39 -11.01 4.99
N ASP B 203 -0.23 -11.65 5.08
CA ASP B 203 0.43 -11.88 6.40
C ASP B 203 0.55 -10.54 7.13
N MET B 204 0.68 -9.43 6.39
CA MET B 204 0.75 -8.05 6.94
C MET B 204 -0.63 -7.63 7.49
N PHE B 205 -1.74 -8.18 7.00
CA PHE B 205 -3.10 -7.85 7.50
C PHE B 205 -3.37 -8.55 8.84
N HIS B 206 -3.13 -9.87 8.90
CA HIS B 206 -3.34 -10.73 10.10
C HIS B 206 -2.43 -10.22 11.24
N ASP B 207 -1.22 -9.74 10.90
CA ASP B 207 -0.29 -9.00 11.80
C ASP B 207 -1.01 -7.81 12.47
N VAL B 208 -1.76 -7.01 11.68
CA VAL B 208 -2.43 -5.74 12.13
C VAL B 208 -3.80 -6.06 12.73
N SER B 209 -4.47 -7.09 12.21
CA SER B 209 -5.86 -7.46 12.64
C SER B 209 -5.85 -7.74 14.15
N GLN B 210 -4.67 -7.83 14.79
CA GLN B 210 -4.49 -7.78 16.27
C GLN B 210 -5.24 -6.56 16.85
N HIS B 211 -5.03 -5.38 16.28
CA HIS B 211 -5.41 -4.07 16.88
C HIS B 211 -6.60 -3.45 16.13
N THR B 218 -6.22 -13.90 21.36
CA THR B 218 -7.58 -13.61 21.88
C THR B 218 -8.64 -14.07 20.88
N TYR B 219 -8.52 -13.53 19.67
CA TYR B 219 -9.39 -13.75 18.48
C TYR B 219 -8.53 -14.36 17.36
N THR B 220 -8.89 -15.55 16.86
CA THR B 220 -8.12 -16.10 15.71
C THR B 220 -8.14 -15.11 14.54
N PRO B 221 -7.07 -15.01 13.74
CA PRO B 221 -7.04 -14.11 12.57
C PRO B 221 -8.29 -14.29 11.70
N GLU B 222 -8.65 -15.53 11.39
CA GLU B 222 -9.91 -15.76 10.62
C GLU B 222 -11.04 -15.01 11.35
N GLU B 223 -11.32 -15.39 12.59
CA GLU B 223 -12.32 -14.66 13.41
C GLU B 223 -12.18 -13.15 13.13
N ARG B 224 -10.95 -12.66 13.14
CA ARG B 224 -10.63 -11.22 12.95
C ARG B 224 -11.06 -10.78 11.54
N GLN B 225 -10.68 -11.49 10.48
CA GLN B 225 -11.01 -11.06 9.09
C GLN B 225 -12.54 -11.18 8.84
N LYS B 226 -13.19 -12.28 9.28
CA LYS B 226 -14.67 -12.48 9.20
C LYS B 226 -15.36 -11.19 9.66
N MET B 227 -14.90 -10.65 10.79
CA MET B 227 -15.41 -9.38 11.40
C MET B 227 -14.98 -8.20 10.52
N ALA B 228 -13.71 -8.13 10.12
CA ALA B 228 -13.15 -7.07 9.24
C ALA B 228 -14.02 -6.93 7.98
N ALA B 229 -14.50 -8.04 7.41
CA ALA B 229 -15.45 -8.08 6.28
C ALA B 229 -16.65 -7.13 6.51
N HIS B 230 -17.26 -7.10 7.70
CA HIS B 230 -18.43 -6.22 8.03
C HIS B 230 -18.10 -4.74 7.75
N ALA B 231 -16.85 -4.32 7.99
CA ALA B 231 -16.35 -2.94 7.82
C ALA B 231 -16.75 -2.35 6.45
N SER B 232 -16.74 -3.18 5.40
CA SER B 232 -16.93 -2.76 3.98
C SER B 232 -18.42 -2.63 3.69
N PRO B 233 -18.81 -1.60 2.89
CA PRO B 233 -20.20 -1.51 2.43
C PRO B 233 -20.50 -2.70 1.52
N LEU B 234 -19.46 -3.29 0.94
CA LEU B 234 -19.54 -4.50 0.09
C LEU B 234 -19.46 -5.79 0.95
N HIS B 235 -19.36 -5.67 2.29
CA HIS B 235 -19.25 -6.79 3.27
C HIS B 235 -18.39 -7.92 2.70
N ARG B 236 -17.12 -7.64 2.41
CA ARG B 236 -16.04 -8.66 2.23
C ARG B 236 -14.65 -8.03 2.41
N ASN B 237 -13.62 -8.86 2.45
CA ASN B 237 -12.22 -8.40 2.66
C ASN B 237 -11.66 -7.96 1.31
N GLY B 238 -10.60 -7.15 1.32
CA GLY B 238 -9.73 -6.97 0.14
C GLY B 238 -8.75 -8.12 0.04
N PHE B 239 -8.47 -8.61 -1.19
CA PHE B 239 -7.48 -9.67 -1.50
C PHE B 239 -6.51 -9.11 -2.54
N PRO B 240 -5.25 -9.62 -2.62
CA PRO B 240 -4.28 -9.14 -3.60
C PRO B 240 -4.83 -9.12 -5.05
N GLU B 241 -5.62 -10.14 -5.42
CA GLU B 241 -6.39 -10.24 -6.69
C GLU B 241 -7.04 -8.90 -7.01
N ASP B 242 -7.66 -8.26 -6.02
CA ASP B 242 -8.40 -6.97 -6.15
C ASP B 242 -7.47 -5.84 -6.57
N ILE B 243 -6.25 -5.79 -6.00
CA ILE B 243 -5.28 -4.65 -6.15
C ILE B 243 -4.56 -4.79 -7.50
N ALA B 244 -4.07 -6.00 -7.77
CA ALA B 244 -3.40 -6.36 -9.03
C ALA B 244 -4.25 -5.88 -10.21
N ARG B 245 -5.57 -5.97 -10.12
CA ARG B 245 -6.47 -5.63 -11.26
C ARG B 245 -6.33 -4.15 -11.61
N VAL B 246 -6.20 -3.30 -10.58
CA VAL B 246 -5.99 -1.85 -10.76
C VAL B 246 -4.60 -1.66 -11.37
N VAL B 247 -3.60 -2.31 -10.81
CA VAL B 247 -2.18 -2.20 -11.30
C VAL B 247 -2.17 -2.53 -12.80
N GLY B 248 -2.96 -3.51 -13.24
CA GLY B 248 -2.95 -4.06 -14.61
C GLY B 248 -3.71 -3.17 -15.58
N PHE B 249 -4.49 -2.24 -15.05
CA PHE B 249 -5.06 -1.13 -15.85
C PHE B 249 -3.98 -0.06 -15.99
N LEU B 250 -3.55 0.47 -14.83
CA LEU B 250 -2.62 1.62 -14.68
C LEU B 250 -1.46 1.51 -15.67
N VAL B 251 -1.00 0.29 -15.95
CA VAL B 251 0.24 -0.02 -16.73
C VAL B 251 -0.09 -0.24 -18.22
N SER B 252 -1.30 -0.73 -18.55
CA SER B 252 -1.77 -0.96 -19.95
C SER B 252 -1.53 0.31 -20.78
N ALA B 253 -1.47 0.18 -22.11
CA ALA B 253 -1.57 1.31 -23.05
C ALA B 253 -2.72 2.22 -22.59
N GLU B 254 -3.88 1.61 -22.31
CA GLU B 254 -5.19 2.30 -22.08
C GLU B 254 -5.22 3.06 -20.74
N GLY B 255 -4.29 2.82 -19.80
CA GLY B 255 -4.27 3.47 -18.46
C GLY B 255 -3.40 4.74 -18.43
N GLU B 256 -3.26 5.41 -19.57
CA GLU B 256 -2.16 6.37 -19.81
C GLU B 256 -2.48 7.72 -19.19
N TRP B 257 -3.76 8.10 -19.16
CA TRP B 257 -4.23 9.45 -18.73
C TRP B 257 -4.47 9.49 -17.22
N ILE B 258 -4.52 8.33 -16.56
CA ILE B 258 -4.20 8.20 -15.11
C ILE B 258 -2.67 8.26 -15.02
N ASN B 259 -2.18 9.45 -14.70
CA ASN B 259 -0.75 9.79 -14.49
C ASN B 259 -0.69 10.81 -13.33
N GLY B 260 0.01 10.46 -12.25
CA GLY B 260 0.37 11.37 -11.14
C GLY B 260 -0.45 11.14 -9.89
N LYS B 261 -1.42 10.23 -9.95
CA LYS B 261 -2.49 10.07 -8.94
C LYS B 261 -2.16 8.90 -7.97
N VAL B 262 -2.70 8.99 -6.76
CA VAL B 262 -2.72 7.88 -5.75
C VAL B 262 -4.13 7.30 -5.74
N LEU B 263 -4.30 6.05 -6.20
CA LEU B 263 -5.59 5.33 -6.17
C LEU B 263 -5.71 4.53 -4.87
N THR B 264 -6.82 4.73 -4.17
CA THR B 264 -7.17 4.04 -2.90
C THR B 264 -8.10 2.86 -3.26
N VAL B 265 -7.62 1.63 -3.05
CA VAL B 265 -8.29 0.37 -3.45
C VAL B 265 -8.56 -0.48 -2.20
N ASP B 266 -9.59 -0.02 -1.46
CA ASP B 266 -9.96 -0.57 -0.15
C ASP B 266 -11.43 -0.98 -0.12
N GLY B 267 -12.24 -0.47 -1.05
CA GLY B 267 -13.65 -0.91 -1.14
C GLY B 267 -14.59 0.08 -0.52
N GLY B 268 -14.23 1.36 -0.51
CA GLY B 268 -15.07 2.38 0.16
C GLY B 268 -15.24 1.94 1.59
N ALA B 269 -14.18 1.40 2.16
CA ALA B 269 -14.28 0.79 3.49
C ALA B 269 -13.87 1.79 4.56
N ALA B 270 -14.29 1.55 5.79
CA ALA B 270 -13.98 2.40 6.96
C ALA B 270 -13.23 1.55 8.00
N PRO C 13 -12.02 -10.81 -19.49
CA PRO C 13 -11.35 -9.92 -18.51
C PRO C 13 -11.27 -8.46 -19.01
N GLY C 14 -11.90 -7.53 -18.28
CA GLY C 14 -12.09 -6.12 -18.70
C GLY C 14 -13.34 -5.94 -19.55
N ARG C 15 -13.99 -7.05 -19.95
CA ARG C 15 -15.16 -7.12 -20.87
C ARG C 15 -16.48 -6.94 -20.09
N LEU C 16 -17.58 -6.78 -20.82
CA LEU C 16 -18.93 -6.45 -20.28
C LEU C 16 -20.01 -7.29 -20.99
N ASP C 17 -19.67 -8.50 -21.42
CA ASP C 17 -20.64 -9.40 -22.11
C ASP C 17 -21.70 -9.81 -21.10
N GLY C 18 -22.97 -9.48 -21.38
CA GLY C 18 -24.14 -9.81 -20.55
C GLY C 18 -24.74 -8.56 -19.95
N LYS C 19 -23.94 -7.50 -19.91
CA LYS C 19 -24.24 -6.24 -19.18
C LYS C 19 -24.93 -5.25 -20.12
N VAL C 20 -25.91 -4.52 -19.58
CA VAL C 20 -26.59 -3.36 -20.21
C VAL C 20 -26.17 -2.09 -19.45
N ALA C 21 -25.58 -1.12 -20.11
CA ALA C 21 -25.17 0.17 -19.49
C ALA C 21 -26.18 1.26 -19.83
N LEU C 22 -26.08 2.42 -19.15
CA LEU C 22 -26.71 3.71 -19.53
C LEU C 22 -25.65 4.80 -19.42
N VAL C 23 -25.66 5.77 -20.33
CA VAL C 23 -24.74 6.97 -20.31
C VAL C 23 -25.58 8.21 -20.65
N THR C 24 -25.79 9.11 -19.69
CA THR C 24 -26.54 10.38 -19.92
C THR C 24 -25.71 11.26 -20.86
N GLY C 25 -26.35 12.03 -21.75
CA GLY C 25 -25.67 12.96 -22.67
C GLY C 25 -24.55 12.28 -23.44
N SER C 26 -24.87 11.17 -24.09
CA SER C 26 -23.91 10.28 -24.79
C SER C 26 -24.16 10.34 -26.30
N GLY C 27 -24.77 11.42 -26.76
CA GLY C 27 -24.73 11.83 -28.18
C GLY C 27 -23.37 12.41 -28.53
N ARG C 28 -22.93 13.37 -27.73
CA ARG C 28 -21.75 14.21 -28.01
C ARG C 28 -20.62 14.07 -26.99
N GLY C 29 -19.39 14.41 -27.36
CA GLY C 29 -18.31 14.43 -26.36
C GLY C 29 -17.91 13.13 -25.69
N ILE C 30 -17.53 13.19 -24.40
CA ILE C 30 -16.99 12.00 -23.68
C ILE C 30 -18.04 10.92 -23.53
N GLY C 31 -19.25 11.30 -23.15
CA GLY C 31 -20.32 10.32 -22.88
C GLY C 31 -20.57 9.44 -24.06
N ALA C 32 -20.22 9.90 -25.25
CA ALA C 32 -20.46 9.14 -26.48
C ALA C 32 -19.36 8.10 -26.63
N ALA C 33 -18.12 8.53 -26.47
CA ALA C 33 -17.01 7.56 -26.53
C ALA C 33 -17.06 6.66 -25.30
N VAL C 34 -17.84 7.03 -24.28
CA VAL C 34 -17.99 6.09 -23.13
C VAL C 34 -19.12 5.11 -23.50
N ALA C 35 -20.05 5.52 -24.37
CA ALA C 35 -21.13 4.65 -24.88
C ALA C 35 -20.54 3.67 -25.90
N VAL C 36 -19.68 4.16 -26.81
CA VAL C 36 -19.04 3.32 -27.88
C VAL C 36 -18.11 2.33 -27.17
N HIS C 37 -17.40 2.77 -26.13
CA HIS C 37 -16.33 1.98 -25.45
C HIS C 37 -16.94 0.79 -24.74
N LEU C 38 -18.07 0.99 -24.07
CA LEU C 38 -18.79 -0.11 -23.36
C LEU C 38 -19.37 -1.07 -24.40
N GLY C 39 -19.90 -0.54 -25.50
CA GLY C 39 -20.30 -1.34 -26.66
C GLY C 39 -19.16 -2.20 -27.15
N LEU C 40 -17.96 -1.63 -27.25
CA LEU C 40 -16.71 -2.33 -27.70
C LEU C 40 -16.40 -3.47 -26.72
N LEU C 41 -16.68 -3.27 -25.43
CA LEU C 41 -16.42 -4.28 -24.36
C LEU C 41 -17.62 -5.23 -24.22
N GLY C 42 -18.59 -5.12 -25.13
CA GLY C 42 -19.67 -6.10 -25.30
C GLY C 42 -20.88 -5.77 -24.45
N ALA C 43 -20.94 -4.59 -23.83
CA ALA C 43 -22.16 -4.12 -23.15
C ALA C 43 -23.15 -3.69 -24.22
N LYS C 44 -24.44 -3.89 -23.95
CA LYS C 44 -25.54 -3.16 -24.63
C LYS C 44 -25.65 -1.79 -23.96
N VAL C 45 -26.12 -0.80 -24.70
CA VAL C 45 -26.01 0.63 -24.30
C VAL C 45 -27.33 1.33 -24.61
N VAL C 46 -27.95 1.87 -23.56
CA VAL C 46 -28.91 3.01 -23.64
C VAL C 46 -28.06 4.27 -23.81
N VAL C 47 -28.09 4.84 -25.01
CA VAL C 47 -27.60 6.22 -25.30
C VAL C 47 -28.69 7.15 -24.78
N ASN C 48 -28.36 8.33 -24.26
CA ASN C 48 -29.38 9.34 -23.84
C ASN C 48 -28.97 10.76 -24.28
N TYR C 49 -29.92 11.48 -24.91
CA TYR C 49 -29.78 12.86 -25.47
C TYR C 49 -30.98 13.71 -25.04
N ALA C 50 -30.78 15.03 -25.01
CA ALA C 50 -31.85 16.03 -24.82
C ALA C 50 -32.09 16.82 -26.13
N ASN C 51 -31.00 17.29 -26.78
CA ASN C 51 -31.05 18.32 -27.87
C ASN C 51 -30.43 17.83 -29.18
N SER C 52 -29.55 16.84 -29.14
CA SER C 52 -28.81 16.35 -30.34
C SER C 52 -29.19 14.91 -30.63
N PRO C 53 -30.36 14.66 -31.29
CA PRO C 53 -30.75 13.31 -31.75
C PRO C 53 -29.90 12.74 -32.89
N THR C 54 -29.36 13.59 -33.78
CA THR C 54 -28.60 13.17 -34.97
C THR C 54 -27.24 12.59 -34.56
N HIS C 55 -26.69 13.07 -33.43
CA HIS C 55 -25.43 12.57 -32.82
C HIS C 55 -25.72 11.26 -32.06
N ALA C 56 -26.82 11.26 -31.30
CA ALA C 56 -27.39 10.11 -30.57
C ALA C 56 -27.62 8.94 -31.53
N GLN C 57 -27.82 9.23 -32.81
CA GLN C 57 -28.01 8.21 -33.90
C GLN C 57 -26.63 7.64 -34.34
N LYS C 58 -25.60 8.50 -34.51
CA LYS C 58 -24.26 8.08 -35.01
C LYS C 58 -23.68 7.09 -34.01
N VAL C 59 -23.98 7.31 -32.72
CA VAL C 59 -23.46 6.45 -31.62
C VAL C 59 -24.20 5.10 -31.71
N VAL C 60 -25.52 5.12 -31.73
CA VAL C 60 -26.33 3.87 -31.75
C VAL C 60 -25.83 3.02 -32.92
N ASP C 61 -25.51 3.68 -34.05
CA ASP C 61 -25.13 3.02 -35.33
C ASP C 61 -23.74 2.42 -35.17
N GLU C 62 -22.81 3.18 -34.57
CA GLU C 62 -21.41 2.70 -34.38
C GLU C 62 -21.40 1.49 -33.43
N ILE C 63 -22.24 1.51 -32.39
CA ILE C 63 -22.33 0.47 -31.31
C ILE C 63 -23.03 -0.79 -31.83
N LYS C 64 -24.07 -0.64 -32.66
CA LYS C 64 -24.69 -1.72 -33.49
C LYS C 64 -23.62 -2.33 -34.39
N GLN C 65 -22.75 -1.46 -34.92
CA GLN C 65 -21.75 -1.75 -35.99
C GLN C 65 -20.41 -2.19 -35.39
N LEU C 66 -20.36 -2.58 -34.12
CA LEU C 66 -19.22 -3.39 -33.64
C LEU C 66 -19.74 -4.56 -32.78
N GLY C 67 -20.99 -4.96 -32.97
CA GLY C 67 -21.49 -6.26 -32.47
C GLY C 67 -22.60 -6.11 -31.45
N SER C 68 -22.56 -5.05 -30.65
CA SER C 68 -23.51 -4.80 -29.55
C SER C 68 -24.79 -4.12 -30.07
N ASP C 69 -25.91 -4.28 -29.37
CA ASP C 69 -27.16 -3.53 -29.66
C ASP C 69 -27.05 -2.15 -29.01
N ALA C 70 -27.88 -1.19 -29.44
CA ALA C 70 -28.08 0.14 -28.79
C ALA C 70 -29.46 0.75 -29.16
N ILE C 71 -30.03 1.52 -28.23
CA ILE C 71 -31.23 2.36 -28.46
C ILE C 71 -30.84 3.78 -28.04
N ALA C 72 -31.54 4.81 -28.54
CA ALA C 72 -31.44 6.20 -28.05
C ALA C 72 -32.78 6.61 -27.44
N ILE C 73 -32.73 7.18 -26.23
CA ILE C 73 -33.92 7.67 -25.49
C ILE C 73 -33.70 9.14 -25.13
N LYS C 74 -34.75 9.97 -25.17
CA LYS C 74 -34.62 11.43 -24.87
C LYS C 74 -34.94 11.71 -23.41
N ALA C 75 -34.32 12.75 -22.86
CA ALA C 75 -34.51 13.03 -21.43
C ALA C 75 -33.82 14.32 -20.99
N ASP C 76 -34.55 15.23 -20.34
CA ASP C 76 -33.93 16.43 -19.73
C ASP C 76 -33.58 16.01 -18.30
N VAL C 77 -32.38 15.46 -18.10
CA VAL C 77 -31.88 15.09 -16.75
C VAL C 77 -32.13 16.26 -15.79
N ARG C 78 -32.53 17.43 -16.28
CA ARG C 78 -32.94 18.51 -15.35
C ARG C 78 -34.28 18.09 -14.75
N GLN C 79 -35.34 17.94 -15.56
CA GLN C 79 -36.65 17.42 -15.09
C GLN C 79 -36.43 16.01 -14.53
N VAL C 80 -36.65 15.83 -13.21
CA VAL C 80 -36.52 14.50 -12.53
C VAL C 80 -37.56 13.53 -13.08
N PRO C 81 -38.82 13.94 -13.40
CA PRO C 81 -39.79 13.02 -14.01
C PRO C 81 -39.29 12.36 -15.32
N GLU C 82 -38.41 13.07 -16.05
CA GLU C 82 -37.79 12.60 -17.32
C GLU C 82 -36.64 11.60 -17.03
N ILE C 83 -35.88 11.78 -15.94
CA ILE C 83 -34.84 10.84 -15.42
C ILE C 83 -35.48 9.47 -15.16
N VAL C 84 -36.67 9.49 -14.53
CA VAL C 84 -37.47 8.31 -14.10
C VAL C 84 -37.87 7.50 -15.33
N ARG C 85 -38.63 8.10 -16.25
CA ARG C 85 -39.13 7.44 -17.50
C ARG C 85 -37.94 6.80 -18.22
N LEU C 86 -36.81 7.52 -18.31
CA LEU C 86 -35.56 7.10 -19.02
C LEU C 86 -35.09 5.75 -18.51
N PHE C 87 -35.08 5.60 -17.19
CA PHE C 87 -34.58 4.38 -16.49
C PHE C 87 -35.68 3.31 -16.61
N ASP C 88 -36.94 3.67 -16.43
CA ASP C 88 -38.07 2.70 -16.51
C ASP C 88 -37.92 2.04 -17.87
N GLU C 89 -37.76 2.89 -18.90
CA GLU C 89 -37.73 2.51 -20.34
C GLU C 89 -36.48 1.69 -20.67
N ALA C 90 -35.42 1.84 -19.87
CA ALA C 90 -34.10 1.19 -20.07
C ALA C 90 -34.17 -0.27 -19.62
N VAL C 91 -34.69 -0.49 -18.41
CA VAL C 91 -35.05 -1.84 -17.84
C VAL C 91 -35.99 -2.50 -18.84
N ALA C 92 -37.10 -1.81 -19.12
CA ALA C 92 -38.16 -2.24 -20.06
C ALA C 92 -37.52 -2.82 -21.33
N HIS C 93 -36.72 -2.03 -22.08
CA HIS C 93 -36.24 -2.37 -23.45
C HIS C 93 -35.17 -3.47 -23.38
N PHE C 94 -34.32 -3.49 -22.36
CA PHE C 94 -33.18 -4.45 -22.32
C PHE C 94 -33.37 -5.53 -21.24
N GLY C 95 -34.24 -5.30 -20.26
CA GLY C 95 -34.54 -6.30 -19.21
C GLY C 95 -33.65 -6.18 -18.01
N GLN C 96 -32.60 -5.38 -18.12
CA GLN C 96 -31.65 -5.10 -17.01
C GLN C 96 -30.84 -3.85 -17.32
N LEU C 97 -30.07 -3.39 -16.35
CA LEU C 97 -29.20 -2.22 -16.53
C LEU C 97 -28.19 -2.32 -15.41
N ASP C 98 -27.06 -2.96 -15.67
CA ASP C 98 -26.04 -3.18 -14.61
C ASP C 98 -25.31 -1.87 -14.36
N ILE C 99 -24.93 -1.16 -15.42
CA ILE C 99 -24.10 0.06 -15.34
C ILE C 99 -24.99 1.28 -15.58
N ALA C 100 -24.57 2.45 -15.08
CA ALA C 100 -25.26 3.74 -15.34
C ALA C 100 -24.21 4.83 -15.27
N VAL C 101 -24.04 5.65 -16.32
CA VAL C 101 -22.95 6.68 -16.32
C VAL C 101 -23.54 8.08 -16.36
N SER C 102 -22.87 9.04 -15.74
CA SER C 102 -23.39 10.42 -15.59
C SER C 102 -22.51 11.41 -16.36
N ASN C 103 -23.03 12.05 -17.39
CA ASN C 103 -22.27 13.04 -18.21
C ASN C 103 -23.20 14.25 -18.34
N SER C 104 -22.93 15.31 -17.62
CA SER C 104 -23.88 16.45 -17.60
C SER C 104 -23.10 17.72 -17.90
N GLY C 105 -23.06 18.14 -19.15
CA GLY C 105 -22.12 19.22 -19.49
C GLY C 105 -22.66 20.61 -19.54
N VAL C 106 -22.46 21.43 -18.50
CA VAL C 106 -22.85 22.88 -18.66
C VAL C 106 -21.74 23.73 -18.02
N VAL C 107 -20.75 24.14 -18.82
CA VAL C 107 -19.63 24.95 -18.29
C VAL C 107 -20.13 26.38 -18.20
N SER C 108 -19.70 27.10 -17.18
CA SER C 108 -20.07 28.52 -17.05
C SER C 108 -18.86 29.26 -16.51
N PHE C 109 -18.58 30.44 -17.07
CA PHE C 109 -17.41 31.26 -16.65
C PHE C 109 -17.90 32.62 -16.21
N GLY C 110 -17.23 33.21 -15.21
CA GLY C 110 -17.71 34.50 -14.66
C GLY C 110 -17.10 34.83 -13.31
N HIS C 111 -17.46 35.97 -12.76
CA HIS C 111 -16.87 36.43 -11.48
C HIS C 111 -18.02 36.42 -10.45
N LEU C 112 -17.73 36.14 -9.20
CA LEU C 112 -18.79 36.00 -8.18
C LEU C 112 -19.68 37.24 -8.25
N LYS C 113 -19.16 38.33 -8.76
CA LYS C 113 -19.94 39.59 -8.76
C LYS C 113 -20.97 39.54 -9.88
N ASP C 114 -20.69 38.81 -10.95
CA ASP C 114 -21.58 38.82 -12.13
C ASP C 114 -22.35 37.51 -12.26
N VAL C 115 -22.29 36.64 -11.26
CA VAL C 115 -23.02 35.34 -11.31
C VAL C 115 -24.46 35.59 -10.88
N THR C 116 -25.43 35.12 -11.67
CA THR C 116 -26.87 35.40 -11.41
C THR C 116 -27.58 34.18 -10.79
N GLU C 117 -28.73 34.44 -10.14
CA GLU C 117 -29.74 33.42 -9.73
C GLU C 117 -29.97 32.44 -10.88
N GLU C 118 -30.14 32.99 -12.09
CA GLU C 118 -30.49 32.22 -13.31
C GLU C 118 -29.32 31.31 -13.68
N GLU C 119 -28.08 31.78 -13.82
CA GLU C 119 -26.98 30.85 -14.27
C GLU C 119 -26.76 29.70 -13.29
N PHE C 120 -26.81 29.96 -11.99
CA PHE C 120 -26.65 28.91 -10.95
C PHE C 120 -27.69 27.82 -11.16
N ASP C 121 -28.94 28.21 -11.25
CA ASP C 121 -30.04 27.20 -11.32
C ASP C 121 -29.96 26.48 -12.67
N ARG C 122 -29.10 26.97 -13.56
CA ARG C 122 -28.95 26.34 -14.89
C ARG C 122 -27.84 25.32 -14.80
N VAL C 123 -26.68 25.75 -14.35
CA VAL C 123 -25.55 24.80 -14.20
C VAL C 123 -25.92 23.76 -13.14
N PHE C 124 -26.18 24.17 -11.91
CA PHE C 124 -26.41 23.20 -10.80
C PHE C 124 -27.62 22.28 -11.02
N SER C 125 -28.48 22.57 -11.97
CA SER C 125 -29.73 21.79 -12.15
C SER C 125 -29.39 20.48 -12.86
N LEU C 126 -28.41 20.54 -13.74
CA LEU C 126 -27.97 19.34 -14.48
C LEU C 126 -26.66 18.90 -13.87
N ASN C 127 -25.82 19.86 -13.54
CA ASN C 127 -24.46 19.44 -13.12
C ASN C 127 -24.52 18.74 -11.75
N THR C 128 -25.17 19.37 -10.77
CA THR C 128 -25.32 18.86 -9.38
C THR C 128 -26.66 18.10 -9.26
N ARG C 129 -27.77 18.82 -9.38
CA ARG C 129 -29.12 18.32 -9.02
C ARG C 129 -29.44 17.12 -9.93
N GLY C 130 -29.23 17.27 -11.23
CA GLY C 130 -29.52 16.21 -12.22
C GLY C 130 -28.80 14.93 -11.84
N GLN C 131 -27.48 15.05 -11.65
CA GLN C 131 -26.55 13.90 -11.45
C GLN C 131 -27.01 13.16 -10.20
N PHE C 132 -27.35 13.91 -9.15
CA PHE C 132 -27.89 13.36 -7.88
C PHE C 132 -29.05 12.39 -8.13
N PHE C 133 -30.01 12.80 -8.98
CA PHE C 133 -31.28 12.08 -9.26
C PHE C 133 -31.08 11.01 -10.34
N VAL C 134 -30.15 11.20 -11.28
CA VAL C 134 -29.69 10.10 -12.17
C VAL C 134 -29.19 8.99 -11.25
N ALA C 135 -28.46 9.37 -10.21
CA ALA C 135 -27.82 8.46 -9.24
C ALA C 135 -28.90 7.74 -8.41
N ARG C 136 -29.94 8.48 -7.99
CA ARG C 136 -31.08 7.91 -7.23
C ARG C 136 -31.75 6.86 -8.13
N GLU C 137 -32.20 7.28 -9.30
CA GLU C 137 -32.93 6.39 -10.24
C GLU C 137 -32.05 5.18 -10.61
N ALA C 138 -30.78 5.42 -10.97
CA ALA C 138 -29.78 4.34 -11.18
C ALA C 138 -29.88 3.30 -10.04
N TYR C 139 -29.78 3.72 -8.78
CA TYR C 139 -29.80 2.79 -7.63
C TYR C 139 -31.03 1.87 -7.70
N LYS C 140 -32.18 2.48 -7.92
CA LYS C 140 -33.52 1.85 -7.73
C LYS C 140 -33.84 0.94 -8.92
N HIS C 141 -33.07 1.03 -10.01
CA HIS C 141 -33.29 0.24 -11.26
C HIS C 141 -32.22 -0.84 -11.41
N LEU C 142 -31.05 -0.64 -10.82
CA LEU C 142 -29.81 -1.38 -11.17
C LEU C 142 -29.92 -2.84 -10.72
N ASN C 143 -29.35 -3.76 -11.51
CA ASN C 143 -29.07 -5.14 -11.06
C ASN C 143 -28.14 -5.06 -9.86
N ASN C 144 -28.39 -5.86 -8.82
CA ASN C 144 -27.49 -5.97 -7.65
C ASN C 144 -26.09 -6.29 -8.22
N GLY C 145 -25.03 -5.75 -7.61
CA GLY C 145 -23.64 -5.93 -8.09
C GLY C 145 -23.28 -5.01 -9.23
N GLY C 146 -24.10 -3.99 -9.49
CA GLY C 146 -23.98 -3.10 -10.66
C GLY C 146 -23.11 -1.89 -10.37
N ARG C 147 -23.22 -0.84 -11.19
CA ARG C 147 -22.30 0.33 -11.16
C ARG C 147 -23.07 1.64 -11.40
N ILE C 148 -22.63 2.71 -10.75
CA ILE C 148 -22.95 4.13 -11.04
C ILE C 148 -21.62 4.87 -11.12
N ILE C 149 -21.48 5.81 -12.07
CA ILE C 149 -20.26 6.66 -12.25
C ILE C 149 -20.73 8.09 -12.48
N MET C 150 -20.03 9.06 -11.92
CA MET C 150 -20.40 10.49 -12.04
C MET C 150 -19.21 11.24 -12.64
N THR C 151 -19.46 12.39 -13.25
CA THR C 151 -18.38 13.14 -13.93
C THR C 151 -18.16 14.48 -13.24
N SER C 152 -16.97 14.70 -12.68
CA SER C 152 -16.62 15.97 -12.02
C SER C 152 -15.61 16.74 -12.89
N SER C 153 -14.65 17.41 -12.26
CA SER C 153 -13.58 18.08 -13.01
C SER C 153 -12.32 18.12 -12.18
N ASN C 154 -11.16 18.32 -12.79
CA ASN C 154 -9.92 18.50 -12.01
C ASN C 154 -10.03 19.85 -11.30
N THR C 155 -10.91 20.72 -11.81
CA THR C 155 -11.13 22.10 -11.24
C THR C 155 -12.06 22.04 -10.01
N SER C 156 -12.39 20.85 -9.51
CA SER C 156 -13.13 20.61 -8.26
C SER C 156 -12.21 20.94 -7.07
N ARG C 157 -11.08 20.21 -6.97
CA ARG C 157 -10.15 20.19 -5.81
C ARG C 157 -8.75 20.68 -6.22
N ASP C 158 -8.17 20.08 -7.28
CA ASP C 158 -6.71 20.12 -7.63
C ASP C 158 -6.32 21.44 -8.32
N PHE C 159 -7.29 22.26 -8.67
CA PHE C 159 -6.99 23.49 -9.44
C PHE C 159 -7.91 24.65 -9.06
N SER C 160 -7.54 25.84 -9.50
CA SER C 160 -8.34 27.03 -9.19
C SER C 160 -8.29 27.98 -10.39
N VAL C 161 -9.15 27.77 -11.37
CA VAL C 161 -9.21 28.71 -12.53
C VAL C 161 -9.87 29.98 -12.00
N PRO C 162 -9.32 31.18 -12.23
CA PRO C 162 -9.99 32.37 -11.77
C PRO C 162 -11.27 32.64 -12.57
N LYS C 163 -12.41 32.01 -12.20
CA LYS C 163 -13.73 32.29 -12.83
C LYS C 163 -14.69 31.11 -12.76
N HIS C 164 -14.22 29.91 -12.39
CA HIS C 164 -15.07 28.68 -12.40
C HIS C 164 -15.82 28.49 -11.08
N SER C 165 -15.67 29.41 -10.14
CA SER C 165 -16.34 29.34 -8.80
C SER C 165 -17.59 28.47 -8.82
N LEU C 166 -18.45 28.60 -9.84
CA LEU C 166 -19.73 27.87 -9.84
C LEU C 166 -19.49 26.46 -10.40
N TYR C 167 -18.89 26.36 -11.57
CA TYR C 167 -18.75 25.00 -12.16
C TYR C 167 -18.06 24.09 -11.14
N SER C 168 -16.98 24.56 -10.54
CA SER C 168 -16.19 23.75 -9.59
C SER C 168 -17.07 23.19 -8.50
N GLY C 169 -17.89 24.01 -7.87
CA GLY C 169 -18.87 23.46 -6.92
C GLY C 169 -19.85 22.55 -7.64
N SER C 170 -20.28 22.90 -8.86
CA SER C 170 -21.31 22.03 -9.48
C SER C 170 -20.79 20.59 -9.60
N LYS C 171 -19.48 20.40 -9.41
CA LYS C 171 -18.87 19.05 -9.52
C LYS C 171 -18.27 18.64 -8.17
N GLY C 172 -17.95 19.61 -7.32
CA GLY C 172 -17.31 19.28 -6.03
C GLY C 172 -18.33 18.63 -5.12
N ALA C 173 -19.60 18.96 -5.35
CA ALA C 173 -20.66 18.27 -4.62
C ALA C 173 -20.64 16.83 -5.07
N ILE C 174 -20.69 16.60 -6.38
CA ILE C 174 -20.62 15.23 -6.96
C ILE C 174 -19.51 14.45 -6.26
N ASP C 175 -18.39 15.08 -5.95
CA ASP C 175 -17.22 14.39 -5.32
C ASP C 175 -17.59 13.87 -3.93
N SER C 176 -18.38 14.63 -3.18
CA SER C 176 -18.80 14.17 -1.82
C SER C 176 -19.85 13.07 -1.95
N PHE C 177 -20.81 13.25 -2.86
CA PHE C 177 -21.91 12.25 -3.02
C PHE C 177 -21.33 10.84 -3.14
N VAL C 178 -20.49 10.62 -4.15
CA VAL C 178 -19.95 9.25 -4.40
C VAL C 178 -19.40 8.64 -3.11
N ARG C 179 -18.86 9.45 -2.19
CA ARG C 179 -18.23 8.83 -1.00
C ARG C 179 -19.28 8.27 -0.03
N ILE C 180 -20.48 8.83 -0.03
CA ILE C 180 -21.57 8.37 0.86
C ILE C 180 -22.45 7.41 0.06
N PHE C 181 -22.58 7.63 -1.24
CA PHE C 181 -23.37 6.76 -2.13
C PHE C 181 -22.74 5.38 -2.19
N SER C 182 -21.46 5.26 -1.85
CA SER C 182 -20.75 3.96 -1.86
C SER C 182 -21.21 3.16 -0.65
N LYS C 183 -21.61 3.86 0.40
CA LYS C 183 -22.06 3.20 1.64
C LYS C 183 -23.52 2.81 1.41
N ASP C 184 -24.31 3.76 0.95
CA ASP C 184 -25.76 3.52 0.69
C ASP C 184 -25.89 2.33 -0.29
N CYS C 185 -25.28 2.42 -1.48
CA CYS C 185 -25.48 1.45 -2.61
C CYS C 185 -24.79 0.10 -2.31
N GLY C 186 -24.07 0.01 -1.20
CA GLY C 186 -23.43 -1.23 -0.75
C GLY C 186 -24.46 -2.26 -0.34
N ASP C 187 -25.69 -1.84 -0.05
CA ASP C 187 -26.75 -2.79 0.37
C ASP C 187 -27.33 -3.46 -0.88
N LYS C 188 -26.84 -3.15 -2.09
CA LYS C 188 -27.13 -3.92 -3.33
C LYS C 188 -25.83 -4.37 -4.00
N LYS C 189 -24.68 -4.20 -3.32
CA LYS C 189 -23.31 -4.50 -3.81
C LYS C 189 -23.01 -3.74 -5.11
N ILE C 190 -23.57 -2.55 -5.24
CA ILE C 190 -23.23 -1.55 -6.30
C ILE C 190 -22.03 -0.71 -5.84
N THR C 191 -21.06 -0.47 -6.70
CA THR C 191 -19.96 0.48 -6.39
C THR C 191 -20.29 1.78 -7.10
N VAL C 192 -19.81 2.92 -6.58
CA VAL C 192 -20.15 4.29 -7.08
C VAL C 192 -18.87 5.13 -7.10
N ASN C 193 -18.36 5.48 -8.27
CA ASN C 193 -17.14 6.32 -8.36
C ASN C 193 -17.43 7.48 -9.31
N ALA C 194 -16.75 8.62 -9.14
CA ALA C 194 -16.75 9.74 -10.09
C ALA C 194 -15.43 9.75 -10.85
N VAL C 195 -15.45 9.80 -12.19
CA VAL C 195 -14.26 10.22 -13.01
C VAL C 195 -14.31 11.75 -13.09
N ALA C 196 -13.13 12.38 -12.97
CA ALA C 196 -12.89 13.83 -12.87
C ALA C 196 -11.98 14.26 -14.01
N PRO C 197 -12.54 14.41 -15.24
CA PRO C 197 -11.79 14.87 -16.41
C PRO C 197 -11.00 16.18 -16.32
N GLY C 198 -9.72 16.16 -16.72
CA GLY C 198 -8.92 17.36 -17.03
C GLY C 198 -9.39 17.95 -18.34
N GLY C 199 -8.55 18.72 -19.03
CA GLY C 199 -8.86 19.30 -20.35
C GLY C 199 -8.96 18.21 -21.42
N THR C 200 -10.17 17.96 -21.93
CA THR C 200 -10.52 16.80 -22.81
C THR C 200 -11.25 17.32 -24.06
N VAL C 201 -10.67 17.11 -25.26
CA VAL C 201 -11.07 17.79 -26.54
C VAL C 201 -12.48 17.35 -26.94
N THR C 202 -13.42 18.29 -26.94
CA THR C 202 -14.90 18.11 -27.07
C THR C 202 -15.51 19.44 -27.56
N ASP C 203 -16.84 19.57 -27.61
CA ASP C 203 -17.51 20.86 -27.89
C ASP C 203 -17.27 21.81 -26.70
N MET C 204 -17.35 21.31 -25.46
CA MET C 204 -17.14 22.12 -24.21
C MET C 204 -15.73 22.72 -24.17
N PHE C 205 -14.72 22.02 -24.71
CA PHE C 205 -13.28 22.34 -24.55
C PHE C 205 -12.91 23.56 -25.40
N HIS C 206 -13.36 23.57 -26.66
CA HIS C 206 -13.20 24.67 -27.65
C HIS C 206 -13.98 25.91 -27.22
N ASP C 207 -14.89 25.75 -26.27
CA ASP C 207 -15.82 26.80 -25.76
C ASP C 207 -15.12 27.62 -24.67
N VAL C 208 -14.22 26.99 -23.91
CA VAL C 208 -13.55 27.59 -22.72
C VAL C 208 -12.03 27.37 -22.80
N SER C 209 -11.49 27.09 -23.98
CA SER C 209 -10.04 27.19 -24.24
C SER C 209 -9.61 28.60 -23.79
N GLN C 210 -10.36 29.63 -24.22
CA GLN C 210 -10.41 31.00 -23.62
C GLN C 210 -10.87 30.94 -22.15
N PRO C 221 -8.70 29.12 -31.98
CA PRO C 221 -8.52 28.07 -33.01
C PRO C 221 -7.87 26.79 -32.43
N GLU C 222 -7.29 25.95 -33.31
CA GLU C 222 -6.44 24.78 -32.93
C GLU C 222 -5.20 25.28 -32.15
N GLU C 223 -4.76 26.53 -32.40
CA GLU C 223 -3.59 27.21 -31.76
C GLU C 223 -3.87 27.36 -30.25
N ARG C 224 -5.15 27.53 -29.86
CA ARG C 224 -5.57 27.53 -28.43
C ARG C 224 -5.37 26.12 -27.85
N GLN C 225 -5.48 25.07 -28.68
CA GLN C 225 -5.37 23.63 -28.28
C GLN C 225 -3.92 23.11 -28.37
N LYS C 226 -3.12 23.52 -29.39
CA LYS C 226 -1.71 23.08 -29.63
C LYS C 226 -0.83 23.38 -28.41
N MET C 227 -1.11 24.49 -27.71
CA MET C 227 -0.35 24.97 -26.52
C MET C 227 -0.99 24.45 -25.23
N ALA C 228 -2.18 23.87 -25.32
CA ALA C 228 -2.81 23.06 -24.24
C ALA C 228 -2.19 21.65 -24.26
N ALA C 229 -1.79 21.17 -25.45
CA ALA C 229 -1.08 19.89 -25.68
C ALA C 229 0.11 19.78 -24.72
N HIS C 230 0.58 20.90 -24.18
CA HIS C 230 1.81 20.98 -23.34
C HIS C 230 1.45 21.23 -21.85
N ALA C 231 0.16 21.23 -21.49
CA ALA C 231 -0.29 21.25 -20.07
C ALA C 231 0.17 19.96 -19.38
N SER C 232 -0.05 18.81 -20.02
CA SER C 232 0.35 17.44 -19.56
C SER C 232 1.84 17.21 -19.82
N PRO C 233 2.56 16.49 -18.91
CA PRO C 233 3.98 16.17 -19.13
C PRO C 233 4.21 15.07 -20.19
N LEU C 234 3.14 14.59 -20.84
CA LEU C 234 3.20 13.60 -21.94
C LEU C 234 3.12 14.32 -23.29
N HIS C 235 2.97 15.65 -23.26
CA HIS C 235 2.93 16.62 -24.39
C HIS C 235 1.94 16.18 -25.48
N ARG C 236 0.67 15.93 -25.08
CA ARG C 236 -0.53 15.83 -25.97
C ARG C 236 -1.75 16.30 -25.17
N ASN C 237 -2.92 16.36 -25.82
CA ASN C 237 -4.19 16.76 -25.13
C ASN C 237 -4.87 15.49 -24.61
N GLY C 238 -5.90 15.68 -23.78
CA GLY C 238 -6.86 14.62 -23.41
C GLY C 238 -7.96 14.50 -24.45
N PHE C 239 -8.31 13.26 -24.82
CA PHE C 239 -9.39 12.94 -25.78
C PHE C 239 -10.42 12.08 -25.07
N PRO C 240 -11.71 12.15 -25.48
CA PRO C 240 -12.75 11.28 -24.92
C PRO C 240 -12.33 9.84 -24.62
N GLU C 241 -11.69 9.16 -25.59
CA GLU C 241 -11.19 7.76 -25.43
C GLU C 241 -10.45 7.62 -24.09
N ASP C 242 -9.44 8.48 -23.86
CA ASP C 242 -8.60 8.50 -22.63
C ASP C 242 -9.49 8.31 -21.40
N ILE C 243 -10.60 9.03 -21.34
CA ILE C 243 -11.56 8.99 -20.21
C ILE C 243 -12.43 7.73 -20.30
N ALA C 244 -13.03 7.49 -21.48
CA ALA C 244 -13.96 6.36 -21.78
C ALA C 244 -13.36 5.03 -21.33
N ARG C 245 -12.04 4.90 -21.43
CA ARG C 245 -11.31 3.64 -21.13
C ARG C 245 -11.29 3.42 -19.62
N VAL C 246 -11.05 4.48 -18.85
CA VAL C 246 -11.00 4.46 -17.36
C VAL C 246 -12.38 4.07 -16.83
N VAL C 247 -13.43 4.80 -17.25
CA VAL C 247 -14.87 4.46 -16.98
C VAL C 247 -15.04 2.96 -17.25
N GLY C 248 -14.57 2.52 -18.40
CA GLY C 248 -14.59 1.13 -18.89
C GLY C 248 -13.97 0.16 -17.90
N PHE C 249 -12.96 0.59 -17.15
CA PHE C 249 -12.35 -0.22 -16.06
C PHE C 249 -13.24 -0.18 -14.80
N LEU C 250 -13.52 1.02 -14.29
CA LEU C 250 -14.35 1.26 -13.08
C LEU C 250 -15.57 0.32 -13.10
N VAL C 251 -16.28 0.29 -14.23
CA VAL C 251 -17.56 -0.46 -14.44
C VAL C 251 -17.29 -1.94 -14.78
N SER C 252 -16.08 -2.31 -15.23
CA SER C 252 -15.67 -3.72 -15.45
C SER C 252 -15.73 -4.45 -14.10
N ALA C 253 -16.03 -5.75 -14.15
CA ALA C 253 -16.09 -6.69 -13.00
C ALA C 253 -14.81 -6.53 -12.18
N GLU C 254 -13.64 -6.43 -12.83
CA GLU C 254 -12.29 -6.36 -12.18
C GLU C 254 -12.08 -5.06 -11.37
N GLY C 255 -12.78 -3.97 -11.71
CA GLY C 255 -12.61 -2.66 -11.06
C GLY C 255 -13.46 -2.48 -9.80
N GLU C 256 -13.87 -3.58 -9.15
CA GLU C 256 -14.79 -3.56 -7.98
C GLU C 256 -14.10 -2.82 -6.82
N TRP C 257 -12.90 -3.23 -6.40
CA TRP C 257 -12.32 -2.77 -5.10
C TRP C 257 -11.98 -1.27 -5.14
N ILE C 258 -12.12 -0.58 -6.29
CA ILE C 258 -12.24 0.92 -6.34
C ILE C 258 -13.73 1.31 -6.31
N ASN C 259 -14.19 1.74 -5.13
CA ASN C 259 -15.57 2.11 -4.79
C ASN C 259 -15.49 3.40 -3.97
N GLY C 260 -16.32 4.40 -4.31
CA GLY C 260 -16.52 5.65 -3.54
C GLY C 260 -15.40 6.64 -3.74
N LYS C 261 -14.81 6.66 -4.93
CA LYS C 261 -13.60 7.47 -5.21
C LYS C 261 -13.86 8.44 -6.36
N VAL C 262 -13.09 9.52 -6.37
CA VAL C 262 -12.79 10.36 -7.56
C VAL C 262 -11.49 9.83 -8.14
N LEU C 263 -11.45 9.64 -9.47
CA LEU C 263 -10.23 9.32 -10.26
C LEU C 263 -9.98 10.46 -11.26
N THR C 264 -9.13 11.42 -10.90
CA THR C 264 -8.85 12.62 -11.75
C THR C 264 -8.07 12.16 -13.00
N VAL C 265 -8.68 12.25 -14.18
CA VAL C 265 -8.08 11.76 -15.45
C VAL C 265 -7.64 12.99 -16.24
N ASP C 266 -6.38 13.42 -16.08
CA ASP C 266 -5.86 14.64 -16.77
C ASP C 266 -4.41 14.44 -17.22
N GLY C 267 -3.92 13.20 -17.25
CA GLY C 267 -2.54 12.92 -17.68
C GLY C 267 -1.48 13.69 -16.91
N GLY C 268 -1.75 14.10 -15.66
CA GLY C 268 -0.77 14.76 -14.75
C GLY C 268 -0.55 16.21 -15.10
N ALA C 269 -1.53 16.82 -15.77
CA ALA C 269 -1.56 18.22 -16.25
C ALA C 269 -1.53 19.21 -15.08
N ALA C 270 -0.68 20.25 -15.17
CA ALA C 270 -0.75 21.46 -14.31
C ALA C 270 -1.29 22.61 -15.16
N PRO D 13 -7.43 38.33 21.95
CA PRO D 13 -6.29 38.27 22.85
C PRO D 13 -5.95 36.84 23.30
N GLY D 14 -5.26 36.08 22.46
CA GLY D 14 -4.80 34.73 22.85
C GLY D 14 -3.30 34.73 23.12
N ARG D 15 -2.92 35.00 24.37
CA ARG D 15 -1.48 35.11 24.71
C ARG D 15 -0.99 33.84 25.39
N LEU D 16 0.31 33.78 25.67
CA LEU D 16 0.89 32.56 26.27
C LEU D 16 1.78 32.99 27.45
N ASP D 17 1.28 33.85 28.33
CA ASP D 17 2.03 34.24 29.55
C ASP D 17 2.25 33.02 30.45
N GLY D 18 3.41 32.95 31.12
CA GLY D 18 3.78 31.87 32.07
C GLY D 18 3.98 30.51 31.39
N LYS D 19 3.74 30.41 30.08
CA LYS D 19 4.02 29.19 29.26
C LYS D 19 5.43 29.29 28.66
N VAL D 20 6.01 28.13 28.35
CA VAL D 20 7.40 27.94 27.81
C VAL D 20 7.34 27.19 26.48
N ALA D 21 7.98 27.78 25.46
CA ALA D 21 8.03 27.30 24.06
C ALA D 21 9.48 27.00 23.66
N LEU D 22 9.66 26.02 22.78
CA LEU D 22 10.93 25.63 22.12
C LEU D 22 10.72 25.69 20.60
N VAL D 23 11.65 26.31 19.88
CA VAL D 23 11.55 26.46 18.41
C VAL D 23 12.88 25.98 17.81
N THR D 24 12.91 24.80 17.17
CA THR D 24 14.12 24.26 16.47
C THR D 24 14.48 25.24 15.35
N GLY D 25 15.74 25.31 14.93
CA GLY D 25 16.17 26.23 13.88
C GLY D 25 15.52 27.59 14.05
N SER D 26 15.64 28.18 15.23
CA SER D 26 14.96 29.46 15.55
C SER D 26 15.97 30.60 15.51
N GLY D 27 17.12 30.37 14.91
CA GLY D 27 18.17 31.42 14.83
C GLY D 27 17.93 32.31 13.63
N ARG D 28 17.53 31.72 12.53
CA ARG D 28 17.26 32.49 11.30
C ARG D 28 16.08 31.85 10.58
N GLY D 29 15.19 32.64 9.97
CA GLY D 29 14.15 32.05 9.11
C GLY D 29 12.72 32.27 9.53
N ILE D 30 11.88 31.25 9.33
CA ILE D 30 10.46 31.32 9.73
C ILE D 30 10.42 30.96 11.21
N GLY D 31 11.40 30.20 11.65
CA GLY D 31 11.44 29.77 13.06
C GLY D 31 12.07 30.85 13.90
N ALA D 32 12.33 32.01 13.33
CA ALA D 32 12.86 33.13 14.11
C ALA D 32 11.72 34.11 14.34
N ALA D 33 10.68 34.00 13.52
CA ALA D 33 9.48 34.82 13.71
C ALA D 33 8.50 34.00 14.53
N VAL D 34 8.68 32.69 14.52
CA VAL D 34 7.79 31.79 15.30
C VAL D 34 8.34 31.81 16.72
N ALA D 35 9.57 32.26 16.90
CA ALA D 35 10.10 32.42 18.27
C ALA D 35 9.62 33.75 18.80
N VAL D 36 10.13 34.83 18.21
CA VAL D 36 9.73 36.19 18.60
C VAL D 36 8.22 36.25 18.78
N HIS D 37 7.46 35.69 17.85
CA HIS D 37 5.99 35.86 17.97
C HIS D 37 5.57 35.26 19.30
N LEU D 38 5.95 34.01 19.54
CA LEU D 38 5.59 33.33 20.81
C LEU D 38 6.12 34.13 21.99
N GLY D 39 7.05 35.05 21.74
CA GLY D 39 7.58 35.93 22.79
C GLY D 39 6.76 37.18 22.88
N LEU D 40 6.20 37.63 21.76
CA LEU D 40 5.33 38.83 21.74
C LEU D 40 4.00 38.46 22.38
N LEU D 41 3.63 37.18 22.33
CA LEU D 41 2.41 36.69 23.00
C LEU D 41 2.79 36.38 24.45
N GLY D 42 4.06 36.55 24.79
CA GLY D 42 4.53 36.47 26.20
C GLY D 42 4.81 35.04 26.67
N ALA D 43 5.33 34.17 25.79
CA ALA D 43 5.90 32.86 26.19
C ALA D 43 7.40 33.06 26.43
N LYS D 44 7.99 32.19 27.26
CA LYS D 44 9.46 32.03 27.36
C LYS D 44 9.84 31.08 26.22
N VAL D 45 10.95 31.37 25.53
CA VAL D 45 11.28 30.83 24.18
C VAL D 45 12.69 30.26 24.19
N VAL D 46 12.84 28.99 23.83
CA VAL D 46 14.17 28.34 23.68
C VAL D 46 14.49 28.32 22.18
N VAL D 47 15.37 29.24 21.76
CA VAL D 47 15.80 29.38 20.35
C VAL D 47 16.89 28.34 20.03
N ASN D 48 16.58 27.32 19.23
CA ASN D 48 17.56 26.26 18.93
C ASN D 48 18.27 26.58 17.61
N TYR D 49 19.45 26.03 17.41
CA TYR D 49 20.26 26.37 16.22
C TYR D 49 21.41 25.39 16.11
N ALA D 50 22.32 25.61 15.16
CA ALA D 50 23.44 24.66 14.94
C ALA D 50 24.68 25.39 14.44
N ASN D 51 24.64 25.96 13.24
CA ASN D 51 25.85 26.58 12.63
C ASN D 51 25.70 28.10 12.58
N SER D 52 24.79 28.68 13.35
CA SER D 52 24.53 30.12 13.28
C SER D 52 24.30 30.67 14.69
N PRO D 53 25.38 31.02 15.42
CA PRO D 53 25.25 31.48 16.78
C PRO D 53 24.79 32.93 16.83
N THR D 54 25.54 33.81 16.19
CA THR D 54 25.22 35.25 16.18
C THR D 54 23.73 35.44 15.93
N HIS D 55 23.19 34.71 14.96
CA HIS D 55 21.77 34.93 14.58
C HIS D 55 20.85 34.66 15.78
N ALA D 56 20.88 33.46 16.36
CA ALA D 56 20.06 33.00 17.51
C ALA D 56 20.17 33.98 18.70
N GLN D 57 21.33 34.63 18.87
CA GLN D 57 21.58 35.59 19.98
C GLN D 57 20.84 36.91 19.69
N LYS D 58 20.88 37.46 18.49
CA LYS D 58 20.06 38.65 18.14
C LYS D 58 18.57 38.31 18.36
N VAL D 59 18.21 37.03 18.25
CA VAL D 59 16.81 36.54 18.43
C VAL D 59 16.50 36.48 19.94
N VAL D 60 17.26 35.68 20.70
CA VAL D 60 17.18 35.63 22.19
C VAL D 60 17.14 37.04 22.79
N ASP D 61 17.75 38.02 22.11
CA ASP D 61 17.81 39.46 22.51
C ASP D 61 16.43 40.10 22.26
N GLU D 62 16.03 40.15 20.99
CA GLU D 62 14.75 40.72 20.51
C GLU D 62 13.60 40.23 21.40
N ILE D 63 13.64 38.95 21.83
CA ILE D 63 12.59 38.32 22.68
C ILE D 63 12.69 38.91 24.09
N LYS D 64 13.90 39.11 24.59
CA LYS D 64 14.11 39.82 25.88
C LYS D 64 13.50 41.21 25.70
N GLN D 65 13.73 41.83 24.53
CA GLN D 65 13.39 43.25 24.26
C GLN D 65 11.89 43.50 24.47
N LEU D 66 11.01 42.53 24.21
CA LEU D 66 9.54 42.73 24.33
C LEU D 66 9.03 42.05 25.60
N GLY D 67 9.91 41.88 26.60
CA GLY D 67 9.53 41.76 28.02
C GLY D 67 9.44 40.33 28.49
N SER D 68 9.82 39.38 27.62
CA SER D 68 9.83 37.91 27.86
C SER D 68 11.26 37.48 28.18
N ASP D 69 11.48 36.19 28.41
CA ASP D 69 12.83 35.60 28.59
C ASP D 69 13.05 34.63 27.41
N ALA D 70 14.33 34.34 27.12
CA ALA D 70 14.77 33.36 26.10
C ALA D 70 16.23 32.96 26.37
N ILE D 71 16.67 31.87 25.74
CA ILE D 71 18.06 31.30 25.77
C ILE D 71 18.34 30.72 24.40
N ALA D 72 19.61 30.70 23.97
CA ALA D 72 20.06 29.96 22.78
C ALA D 72 20.64 28.64 23.27
N ILE D 73 20.03 27.52 22.87
CA ILE D 73 20.61 26.16 23.02
C ILE D 73 20.92 25.62 21.63
N LYS D 74 22.18 25.29 21.35
CA LYS D 74 22.61 24.65 20.10
C LYS D 74 22.37 23.13 20.17
N ALA D 75 21.91 22.54 19.08
CA ALA D 75 21.69 21.08 18.92
C ALA D 75 21.42 20.74 17.44
N ASP D 76 22.23 19.85 16.85
CA ASP D 76 21.94 19.22 15.53
C ASP D 76 20.80 18.21 15.71
N VAL D 77 19.64 18.44 15.07
CA VAL D 77 18.43 17.60 15.26
C VAL D 77 18.39 16.56 14.13
N ARG D 78 19.49 16.42 13.39
CA ARG D 78 19.74 15.20 12.60
C ARG D 78 20.11 14.07 13.58
N GLN D 79 20.71 14.44 14.73
CA GLN D 79 21.23 13.57 15.81
C GLN D 79 20.17 13.40 16.90
N VAL D 80 19.57 12.22 16.97
CA VAL D 80 18.52 11.84 17.96
C VAL D 80 19.00 11.97 19.40
N PRO D 81 20.29 11.68 19.75
CA PRO D 81 20.77 11.84 21.13
C PRO D 81 20.84 13.33 21.53
N GLU D 82 21.17 14.22 20.57
CA GLU D 82 21.27 15.70 20.74
C GLU D 82 19.88 16.29 21.00
N ILE D 83 18.84 15.71 20.41
CA ILE D 83 17.43 16.18 20.54
C ILE D 83 16.99 15.88 21.97
N VAL D 84 17.33 14.68 22.45
CA VAL D 84 17.12 14.23 23.87
C VAL D 84 17.69 15.32 24.77
N ARG D 85 19.00 15.54 24.68
CA ARG D 85 19.77 16.47 25.53
C ARG D 85 19.19 17.91 25.42
N LEU D 86 18.65 18.30 24.25
CA LEU D 86 18.11 19.67 23.97
C LEU D 86 16.87 19.93 24.84
N PHE D 87 15.93 18.99 24.85
CA PHE D 87 14.69 19.01 25.66
C PHE D 87 15.01 18.78 27.16
N ASP D 88 15.91 17.83 27.48
CA ASP D 88 16.49 17.63 28.83
C ASP D 88 16.97 18.98 29.38
N GLU D 89 17.72 19.74 28.57
CA GLU D 89 18.27 21.08 28.91
C GLU D 89 17.12 22.11 29.05
N ALA D 90 16.26 22.19 28.04
CA ALA D 90 15.17 23.20 27.97
C ALA D 90 14.40 23.20 29.29
N VAL D 91 13.93 22.02 29.69
CA VAL D 91 13.12 21.77 30.93
C VAL D 91 13.96 22.13 32.16
N ALA D 92 15.25 21.78 32.15
CA ALA D 92 16.20 22.11 33.22
C ALA D 92 16.21 23.63 33.46
N HIS D 93 16.06 24.45 32.42
CA HIS D 93 16.32 25.90 32.52
C HIS D 93 15.06 26.69 32.92
N PHE D 94 13.93 26.52 32.22
CA PHE D 94 12.66 27.27 32.46
C PHE D 94 11.71 26.49 33.38
N GLY D 95 12.07 25.25 33.74
CA GLY D 95 11.40 24.39 34.73
C GLY D 95 10.32 23.49 34.12
N GLN D 96 10.03 23.64 32.83
CA GLN D 96 8.86 23.03 32.13
C GLN D 96 8.84 23.52 30.67
N LEU D 97 8.20 22.73 29.79
CA LEU D 97 7.92 23.08 28.36
C LEU D 97 6.44 22.82 28.07
N ASP D 98 5.79 23.74 27.36
CA ASP D 98 4.35 23.70 26.98
C ASP D 98 4.20 23.56 25.46
N ILE D 99 5.09 24.18 24.69
CA ILE D 99 4.96 24.29 23.21
C ILE D 99 6.29 23.86 22.58
N ALA D 100 6.30 22.76 21.83
CA ALA D 100 7.41 22.31 20.98
C ALA D 100 7.08 22.67 19.55
N VAL D 101 8.03 23.23 18.80
CA VAL D 101 7.83 23.65 17.38
C VAL D 101 9.01 23.16 16.52
N SER D 102 8.72 22.24 15.57
CA SER D 102 9.67 21.68 14.59
C SER D 102 9.69 22.58 13.35
N ASN D 103 10.71 23.44 13.28
CA ASN D 103 10.98 24.38 12.15
C ASN D 103 12.02 23.77 11.20
N SER D 104 13.11 23.24 11.79
CA SER D 104 14.38 22.94 11.09
C SER D 104 14.11 22.18 9.79
N GLY D 105 14.87 22.48 8.74
CA GLY D 105 14.75 21.77 7.47
C GLY D 105 15.65 22.34 6.40
N VAL D 106 15.98 21.53 5.39
CA VAL D 106 16.82 21.95 4.23
C VAL D 106 16.00 21.83 2.93
N VAL D 107 16.44 22.50 1.86
CA VAL D 107 15.81 22.39 0.51
C VAL D 107 16.74 21.54 -0.38
N SER D 108 16.23 21.09 -1.55
CA SER D 108 16.94 20.26 -2.54
C SER D 108 16.15 20.17 -3.84
N PHE D 109 16.77 20.55 -4.97
CA PHE D 109 16.24 20.52 -6.36
C PHE D 109 17.10 19.57 -7.21
N GLY D 110 16.47 18.55 -7.79
CA GLY D 110 17.17 17.53 -8.61
C GLY D 110 16.19 16.53 -9.19
N HIS D 111 16.25 16.34 -10.51
CA HIS D 111 15.43 15.36 -11.25
C HIS D 111 15.61 13.99 -10.58
N LEU D 112 14.60 13.13 -10.56
CA LEU D 112 14.70 11.78 -9.95
C LEU D 112 16.00 11.10 -10.41
N LYS D 113 16.38 11.24 -11.68
CA LYS D 113 17.50 10.50 -12.31
C LYS D 113 18.81 10.76 -11.54
N ASP D 114 19.01 11.98 -11.00
CA ASP D 114 20.30 12.55 -10.47
C ASP D 114 20.39 12.54 -8.94
N VAL D 115 19.30 12.22 -8.24
CA VAL D 115 19.30 12.24 -6.74
C VAL D 115 20.15 11.05 -6.29
N THR D 116 21.14 11.31 -5.41
CA THR D 116 22.04 10.27 -4.82
C THR D 116 21.67 9.99 -3.38
N GLU D 117 22.24 8.91 -2.86
CA GLU D 117 22.06 8.43 -1.46
C GLU D 117 22.43 9.54 -0.48
N GLU D 118 23.62 10.14 -0.62
CA GLU D 118 24.07 11.24 0.29
C GLU D 118 22.95 12.28 0.37
N GLU D 119 22.41 12.64 -0.81
CA GLU D 119 21.43 13.73 -1.04
C GLU D 119 20.07 13.25 -0.50
N PHE D 120 19.70 12.01 -0.73
CA PHE D 120 18.47 11.45 -0.13
C PHE D 120 18.52 11.61 1.39
N ASP D 121 19.62 11.15 2.02
CA ASP D 121 19.85 11.09 3.49
C ASP D 121 20.05 12.50 4.06
N ARG D 122 20.84 13.33 3.38
CA ARG D 122 21.02 14.76 3.76
C ARG D 122 19.67 15.41 4.11
N VAL D 123 18.66 15.20 3.27
CA VAL D 123 17.35 15.91 3.37
C VAL D 123 16.48 15.22 4.42
N PHE D 124 16.29 13.91 4.29
CA PHE D 124 15.35 13.11 5.12
C PHE D 124 15.82 13.16 6.58
N SER D 125 17.13 13.01 6.84
CA SER D 125 17.72 12.93 8.21
C SER D 125 17.21 14.06 9.12
N LEU D 126 17.00 15.27 8.56
CA LEU D 126 16.54 16.50 9.26
C LEU D 126 15.02 16.75 9.07
N ASN D 127 14.55 16.86 7.83
CA ASN D 127 13.17 17.29 7.48
C ASN D 127 12.11 16.30 7.99
N THR D 128 12.44 15.00 8.11
CA THR D 128 11.48 13.86 8.26
C THR D 128 11.78 13.01 9.50
N ARG D 129 13.02 12.53 9.61
CA ARG D 129 13.52 11.76 10.78
C ARG D 129 13.61 12.74 11.95
N GLY D 130 14.36 13.84 11.74
CA GLY D 130 14.56 14.90 12.73
C GLY D 130 13.23 15.31 13.36
N GLN D 131 12.34 15.83 12.53
CA GLN D 131 11.05 16.38 12.99
C GLN D 131 10.30 15.29 13.75
N PHE D 132 10.46 14.01 13.38
CA PHE D 132 9.77 12.87 14.05
C PHE D 132 10.24 12.75 15.50
N PHE D 133 11.56 12.82 15.73
CA PHE D 133 12.14 12.57 17.08
C PHE D 133 12.01 13.82 17.94
N VAL D 134 12.04 15.00 17.32
CA VAL D 134 11.67 16.28 17.98
C VAL D 134 10.29 16.07 18.61
N ALA D 135 9.38 15.45 17.86
CA ALA D 135 7.96 15.23 18.22
C ALA D 135 7.88 14.11 19.26
N ARG D 136 8.76 13.11 19.18
CA ARG D 136 8.84 12.08 20.23
C ARG D 136 9.25 12.75 21.54
N GLU D 137 10.34 13.52 21.52
CA GLU D 137 10.95 14.09 22.75
C GLU D 137 10.00 15.13 23.37
N ALA D 138 9.26 15.87 22.54
CA ALA D 138 8.28 16.91 22.95
C ALA D 138 7.16 16.27 23.78
N TYR D 139 6.67 15.09 23.37
CA TYR D 139 5.59 14.39 24.08
C TYR D 139 6.09 13.99 25.48
N LYS D 140 7.29 13.43 25.55
CA LYS D 140 7.88 12.89 26.81
C LYS D 140 8.10 14.02 27.83
N HIS D 141 8.50 15.20 27.35
CA HIS D 141 8.94 16.38 28.15
C HIS D 141 7.79 17.39 28.34
N LEU D 142 6.77 17.42 27.48
CA LEU D 142 5.72 18.47 27.50
C LEU D 142 4.77 18.25 28.69
N ASN D 143 4.17 19.35 29.16
CA ASN D 143 3.04 19.37 30.12
C ASN D 143 1.79 18.82 29.42
N ASN D 144 0.80 18.39 30.21
CA ASN D 144 -0.60 18.11 29.76
C ASN D 144 -1.18 19.41 29.19
N GLY D 145 -1.92 19.35 28.07
CA GLY D 145 -2.54 20.54 27.43
C GLY D 145 -1.54 21.29 26.57
N GLY D 146 -0.48 20.59 26.16
CA GLY D 146 0.67 21.17 25.44
C GLY D 146 0.43 21.22 23.94
N ARG D 147 1.48 21.62 23.21
CA ARG D 147 1.41 21.87 21.76
C ARG D 147 2.68 21.37 21.09
N ILE D 148 2.57 20.46 20.12
CA ILE D 148 3.63 20.19 19.10
C ILE D 148 3.17 20.75 17.77
N ILE D 149 4.00 21.58 17.16
CA ILE D 149 3.81 22.14 15.79
C ILE D 149 4.99 21.65 14.95
N MET D 150 4.71 21.02 13.81
CA MET D 150 5.76 20.56 12.87
C MET D 150 5.63 21.37 11.58
N THR D 151 6.64 21.34 10.70
CA THR D 151 6.64 22.21 9.50
C THR D 151 6.77 21.43 8.19
N SER D 152 5.76 21.54 7.32
CA SER D 152 5.79 20.85 5.99
C SER D 152 5.99 21.89 4.89
N SER D 153 5.28 21.73 3.76
CA SER D 153 5.37 22.70 2.64
C SER D 153 4.12 22.60 1.77
N ASN D 154 3.94 23.54 0.84
CA ASN D 154 2.77 23.48 -0.09
C ASN D 154 3.20 22.63 -1.29
N THR D 155 4.51 22.45 -1.46
CA THR D 155 5.02 21.58 -2.54
C THR D 155 4.76 20.14 -2.12
N SER D 156 4.07 19.92 -1.00
CA SER D 156 3.85 18.54 -0.48
C SER D 156 2.84 17.81 -1.34
N ARG D 157 1.65 18.38 -1.48
CA ARG D 157 0.58 17.75 -2.27
C ARG D 157 0.02 18.78 -3.23
N ASP D 158 -0.06 20.01 -2.75
CA ASP D 158 -0.69 21.03 -3.59
C ASP D 158 0.13 21.16 -4.87
N PHE D 159 1.36 21.66 -4.75
CA PHE D 159 2.14 21.98 -5.97
C PHE D 159 2.95 20.80 -6.51
N SER D 160 2.87 20.58 -7.83
CA SER D 160 3.67 19.54 -8.50
C SER D 160 4.87 20.21 -9.18
N VAL D 161 5.74 20.87 -8.42
CA VAL D 161 6.91 21.63 -8.95
C VAL D 161 7.90 20.65 -9.54
N PRO D 162 8.38 20.84 -10.81
CA PRO D 162 9.33 19.89 -11.39
C PRO D 162 10.63 19.81 -10.57
N LYS D 163 11.32 18.67 -10.68
CA LYS D 163 12.66 18.41 -10.08
C LYS D 163 12.62 18.70 -8.57
N HIS D 164 11.49 18.41 -7.91
CA HIS D 164 11.25 18.74 -6.49
C HIS D 164 10.81 17.49 -5.72
N SER D 165 10.97 16.32 -6.33
CA SER D 165 10.55 15.04 -5.72
C SER D 165 11.07 14.85 -4.31
N LEU D 166 12.32 15.19 -4.02
CA LEU D 166 12.90 14.81 -2.70
C LEU D 166 12.35 15.65 -1.56
N TYR D 167 12.27 16.94 -1.72
CA TYR D 167 11.78 17.83 -0.64
C TYR D 167 10.43 17.33 -0.16
N SER D 168 9.48 17.21 -1.09
CA SER D 168 8.06 16.78 -0.95
C SER D 168 7.85 15.50 -0.12
N GLY D 169 8.56 14.42 -0.35
CA GLY D 169 8.29 13.25 0.45
C GLY D 169 8.66 13.58 1.86
N SER D 170 9.79 14.27 2.08
CA SER D 170 10.22 14.61 3.46
C SER D 170 9.08 15.27 4.24
N LYS D 171 8.39 16.22 3.61
CA LYS D 171 7.28 17.02 4.16
C LYS D 171 5.98 16.25 4.01
N GLY D 172 5.90 15.36 3.03
CA GLY D 172 4.66 14.60 2.86
C GLY D 172 4.40 13.83 4.12
N ALA D 173 5.38 13.06 4.56
CA ALA D 173 5.29 12.26 5.79
C ALA D 173 4.88 13.16 6.94
N ILE D 174 5.51 14.32 7.10
CA ILE D 174 5.16 15.30 8.17
C ILE D 174 3.66 15.54 8.18
N ASP D 175 3.03 15.63 7.01
CA ASP D 175 1.55 15.73 6.88
C ASP D 175 0.86 14.51 7.48
N SER D 176 1.44 13.32 7.33
CA SER D 176 0.86 12.04 7.84
C SER D 176 1.13 11.92 9.35
N PHE D 177 2.30 12.35 9.81
CA PHE D 177 2.72 12.18 11.22
C PHE D 177 1.70 12.89 12.11
N VAL D 178 1.28 14.12 11.78
CA VAL D 178 0.44 14.98 12.66
C VAL D 178 -0.96 14.35 12.85
N ARG D 179 -1.50 13.74 11.80
CA ARG D 179 -2.85 13.14 11.83
C ARG D 179 -2.85 12.00 12.85
N ILE D 180 -1.82 11.15 12.81
CA ILE D 180 -1.69 9.97 13.70
C ILE D 180 -1.18 10.44 15.08
N PHE D 181 -0.15 11.30 15.12
CA PHE D 181 0.44 11.86 16.37
C PHE D 181 -0.64 12.48 17.25
N SER D 182 -1.72 12.95 16.63
CA SER D 182 -2.84 13.66 17.31
C SER D 182 -3.61 12.62 18.12
N LYS D 183 -3.77 11.41 17.57
CA LYS D 183 -4.43 10.32 18.35
C LYS D 183 -3.43 9.83 19.40
N ASP D 184 -2.16 9.67 19.02
CA ASP D 184 -1.12 9.19 19.97
C ASP D 184 -0.93 10.21 21.09
N CYS D 185 -0.40 11.39 20.76
CA CYS D 185 -0.14 12.46 21.77
C CYS D 185 -1.39 12.97 22.50
N GLY D 186 -2.44 12.17 22.65
CA GLY D 186 -3.65 12.73 23.28
C GLY D 186 -3.74 12.29 24.72
N ASP D 187 -3.05 11.21 25.08
CA ASP D 187 -3.09 10.66 26.45
C ASP D 187 -2.51 11.71 27.40
N LYS D 188 -2.06 12.83 26.85
CA LYS D 188 -1.52 13.95 27.66
C LYS D 188 -2.16 15.23 27.13
N LYS D 189 -3.43 15.12 26.72
CA LYS D 189 -4.15 16.36 26.30
C LYS D 189 -3.27 17.29 25.43
N ILE D 190 -2.39 16.75 24.60
CA ILE D 190 -1.55 17.58 23.68
C ILE D 190 -2.16 17.55 22.28
N THR D 191 -2.21 18.68 21.57
CA THR D 191 -2.70 18.77 20.17
C THR D 191 -1.49 18.78 19.25
N VAL D 192 -1.65 18.25 18.03
CA VAL D 192 -0.54 18.16 17.04
C VAL D 192 -1.06 18.63 15.67
N ASN D 193 -0.38 19.62 15.09
CA ASN D 193 -0.66 20.20 13.75
C ASN D 193 0.65 20.57 13.07
N ALA D 194 0.59 20.76 11.75
CA ALA D 194 1.67 21.35 10.95
C ALA D 194 1.16 22.62 10.28
N VAL D 195 2.10 23.51 9.96
CA VAL D 195 1.89 24.63 9.00
C VAL D 195 2.65 24.29 7.72
N ALA D 196 1.95 24.41 6.60
CA ALA D 196 2.57 24.14 5.31
C ALA D 196 2.87 25.48 4.66
N PRO D 197 4.02 26.09 4.98
CA PRO D 197 4.34 27.38 4.45
C PRO D 197 4.32 27.26 2.93
N GLY D 198 4.27 28.39 2.23
CA GLY D 198 4.35 28.36 0.76
C GLY D 198 5.77 28.62 0.29
N GLY D 199 6.12 29.88 0.05
CA GLY D 199 7.50 30.25 -0.33
C GLY D 199 7.98 31.41 0.51
N THR D 200 7.68 31.38 1.82
CA THR D 200 8.05 32.51 2.72
C THR D 200 9.44 33.04 2.38
N VAL D 201 9.58 34.36 2.34
CA VAL D 201 10.88 34.99 1.94
C VAL D 201 11.90 34.78 3.06
N THR D 202 12.93 33.98 2.81
CA THR D 202 13.99 33.60 3.78
C THR D 202 15.25 33.27 2.99
N ASP D 203 16.32 32.82 3.66
CA ASP D 203 17.57 32.35 2.99
C ASP D 203 17.21 31.20 2.04
N MET D 204 16.27 30.32 2.39
CA MET D 204 15.89 29.15 1.55
C MET D 204 15.26 29.61 0.24
N PHE D 205 14.14 30.31 0.30
CA PHE D 205 13.49 30.88 -0.90
C PHE D 205 14.52 31.38 -1.90
N HIS D 206 15.55 32.07 -1.43
CA HIS D 206 16.52 32.70 -2.36
C HIS D 206 17.47 31.67 -2.96
N ASP D 207 17.78 30.62 -2.20
CA ASP D 207 18.70 29.55 -2.67
C ASP D 207 17.95 28.69 -3.69
N VAL D 208 16.62 28.75 -3.69
CA VAL D 208 15.79 27.95 -4.63
C VAL D 208 14.67 28.80 -5.21
N SER D 209 14.89 30.10 -5.40
CA SER D 209 13.91 30.92 -6.16
C SER D 209 14.26 30.60 -7.61
N GLN D 210 15.06 29.55 -7.80
CA GLN D 210 15.50 29.07 -9.14
C GLN D 210 16.87 29.66 -9.46
N PRO D 221 18.28 37.25 -10.06
CA PRO D 221 18.99 37.98 -8.98
C PRO D 221 18.12 38.31 -7.75
N GLU D 222 17.51 39.51 -7.74
CA GLU D 222 16.48 40.01 -6.77
C GLU D 222 15.08 39.77 -7.37
N GLU D 223 14.96 39.92 -8.70
CA GLU D 223 13.69 40.14 -9.44
C GLU D 223 12.97 38.79 -9.58
N ARG D 224 13.67 37.70 -9.26
CA ARG D 224 13.07 36.35 -9.06
C ARG D 224 11.85 36.52 -8.15
N GLN D 225 12.07 37.04 -6.93
CA GLN D 225 11.02 37.23 -5.88
C GLN D 225 9.97 38.24 -6.39
N LYS D 226 10.36 39.39 -6.94
CA LYS D 226 9.43 40.47 -7.39
C LYS D 226 8.27 39.88 -8.22
N MET D 227 8.48 38.75 -8.91
CA MET D 227 7.42 38.12 -9.77
C MET D 227 6.64 37.05 -8.99
N ALA D 228 7.24 36.46 -7.93
CA ALA D 228 6.59 35.47 -7.02
C ALA D 228 5.40 36.13 -6.32
N ALA D 229 5.51 37.42 -5.98
CA ALA D 229 4.46 38.25 -5.36
C ALA D 229 3.14 38.12 -6.15
N HIS D 230 3.21 38.13 -7.48
CA HIS D 230 2.02 38.19 -8.37
C HIS D 230 1.24 36.86 -8.40
N ALA D 231 1.84 35.73 -7.97
CA ALA D 231 1.21 34.40 -7.88
C ALA D 231 0.00 34.44 -6.94
N SER D 232 0.20 34.84 -5.67
CA SER D 232 -0.83 35.09 -4.64
C SER D 232 -1.81 36.17 -5.11
N PRO D 233 -3.14 35.94 -5.01
CA PRO D 233 -4.13 36.96 -5.37
C PRO D 233 -4.04 38.29 -4.58
N LEU D 234 -3.39 38.29 -3.42
CA LEU D 234 -3.14 39.54 -2.64
C LEU D 234 -1.99 40.35 -3.26
N HIS D 235 -1.31 39.82 -4.29
CA HIS D 235 -0.24 40.50 -5.04
C HIS D 235 0.79 41.05 -4.03
N ARG D 236 1.34 40.16 -3.19
CA ARG D 236 2.54 40.37 -2.33
C ARG D 236 3.16 39.00 -1.98
N ASN D 237 4.36 38.98 -1.38
CA ASN D 237 5.06 37.72 -1.07
C ASN D 237 4.58 37.20 0.28
N GLY D 238 4.83 35.92 0.53
CA GLY D 238 4.73 35.34 1.88
C GLY D 238 5.99 35.69 2.66
N PHE D 239 5.82 36.14 3.91
CA PHE D 239 6.93 36.55 4.81
C PHE D 239 6.91 35.70 6.07
N PRO D 240 8.09 35.51 6.71
CA PRO D 240 8.17 34.62 7.86
C PRO D 240 7.13 34.88 8.93
N GLU D 241 6.77 36.14 9.15
CA GLU D 241 5.86 36.46 10.26
C GLU D 241 4.42 36.23 9.84
N ASP D 242 4.20 35.82 8.60
CA ASP D 242 2.82 35.62 8.08
C ASP D 242 2.41 34.22 8.52
N ILE D 243 3.38 33.34 8.72
CA ILE D 243 3.13 31.93 9.14
C ILE D 243 3.29 31.87 10.65
N ALA D 244 4.28 32.55 11.18
CA ALA D 244 4.45 32.65 12.64
C ALA D 244 3.08 32.90 13.24
N ARG D 245 2.32 33.82 12.64
CA ARG D 245 0.99 34.20 13.19
C ARG D 245 0.07 32.98 13.29
N VAL D 246 0.14 32.07 12.32
CA VAL D 246 -0.72 30.85 12.31
C VAL D 246 -0.26 29.84 13.35
N VAL D 247 1.04 29.80 13.61
CA VAL D 247 1.60 28.87 14.61
C VAL D 247 1.17 29.43 15.96
N GLY D 248 1.10 30.75 16.07
CA GLY D 248 0.78 31.35 17.36
C GLY D 248 -0.62 30.98 17.79
N PHE D 249 -1.56 31.03 16.86
CA PHE D 249 -2.96 30.71 17.19
C PHE D 249 -3.03 29.23 17.57
N LEU D 250 -2.43 28.39 16.74
CA LEU D 250 -2.52 26.93 16.97
C LEU D 250 -1.95 26.56 18.33
N VAL D 251 -0.97 27.30 18.87
CA VAL D 251 -0.31 26.97 20.17
C VAL D 251 -0.99 27.71 21.32
N SER D 252 -1.96 28.56 21.00
CA SER D 252 -2.75 29.29 22.03
C SER D 252 -3.76 28.31 22.66
N ALA D 253 -4.43 28.71 23.75
CA ALA D 253 -5.56 27.96 24.35
C ALA D 253 -6.68 27.82 23.31
N GLU D 254 -6.94 28.90 22.55
CA GLU D 254 -8.06 29.06 21.60
C GLU D 254 -7.90 28.16 20.36
N GLY D 255 -6.70 27.68 20.03
CA GLY D 255 -6.48 26.87 18.82
C GLY D 255 -6.71 25.39 19.08
N GLU D 256 -7.19 25.03 20.27
CA GLU D 256 -7.14 23.63 20.79
C GLU D 256 -8.01 22.70 19.94
N TRP D 257 -9.07 23.19 19.28
CA TRP D 257 -10.02 22.36 18.49
C TRP D 257 -9.56 22.28 17.03
N ILE D 258 -8.46 22.96 16.70
CA ILE D 258 -7.63 22.58 15.52
C ILE D 258 -6.62 21.54 16.03
N ASN D 259 -6.67 20.29 15.51
CA ASN D 259 -5.86 19.11 15.93
C ASN D 259 -5.86 18.08 14.80
N GLY D 260 -4.67 17.61 14.39
CA GLY D 260 -4.44 16.61 13.32
C GLY D 260 -4.42 17.22 11.93
N LYS D 261 -4.40 18.54 11.85
CA LYS D 261 -4.58 19.28 10.58
C LYS D 261 -3.24 19.91 10.20
N VAL D 262 -3.00 20.01 8.90
CA VAL D 262 -1.82 20.72 8.34
C VAL D 262 -2.33 21.98 7.66
N LEU D 263 -2.37 23.12 8.35
CA LEU D 263 -2.85 24.39 7.73
C LEU D 263 -1.83 24.81 6.68
N THR D 264 -2.32 25.21 5.51
CA THR D 264 -1.51 25.65 4.33
C THR D 264 -1.59 27.18 4.29
N VAL D 265 -0.43 27.82 4.36
CA VAL D 265 -0.32 29.30 4.38
C VAL D 265 0.35 29.66 3.04
N ASP D 266 -0.42 29.67 1.96
CA ASP D 266 0.08 29.93 0.59
C ASP D 266 -0.27 31.36 0.18
N GLY D 267 -1.24 31.97 0.87
CA GLY D 267 -1.70 33.32 0.53
C GLY D 267 -2.64 33.29 -0.65
N GLY D 268 -2.86 32.11 -1.19
CA GLY D 268 -3.75 31.98 -2.36
C GLY D 268 -2.88 31.72 -3.56
N ALA D 269 -1.61 31.51 -3.30
CA ALA D 269 -0.68 31.38 -4.41
C ALA D 269 -1.07 30.24 -5.32
N ALA D 270 -0.53 30.26 -6.54
CA ALA D 270 -0.88 29.25 -7.53
C ALA D 270 0.26 29.15 -8.54
#